data_7KX9
#
_entry.id   7KX9
#
_cell.length_a   1.00
_cell.length_b   1.00
_cell.length_c   1.00
_cell.angle_alpha   90.00
_cell.angle_beta   90.00
_cell.angle_gamma   90.00
#
_symmetry.space_group_name_H-M   'P 1'
#
loop_
_entity.id
_entity.type
_entity.pdbx_description
1 polymer Piwi-A
2 polymer "RNA (5'-R(P*UP*CP*UP*CP*UP*UP*GP*AP*GP*UP*UP*GP*GP*AP*CP*AP*AP*AP*UP*GP*GP*CP*AP*(OMG))-3')"
3 polymer "RNA (5'-R(P*UP*GP*UP*CP*CP*AP*AP*CP*UP*CP*AP*AP*GP*AP*GP*A)-3')"
4 non-polymer 'MAGNESIUM ION'
#
loop_
_entity_poly.entity_id
_entity_poly.type
_entity_poly.pdbx_seq_one_letter_code
_entity_poly.pdbx_strand_id
1 'polypeptide(L)'
;SLNVESSMVSQRGSSGQPVPVSANYLPLKGNMDGVFKYAVGFNPPVEDIRSRSQLLNEHKELIGLTRVFDGSTLYVPKRI
CEQRLDLMSTRQTDGASIKVTISLVDSVKNRDVVQLMNVIFKRILRSLKLQRIGRDYYDANSPLEVPQHKMQLWPGYVTA
INRHEGGLMLVLDVSHRVMKTDTALDFLYELYHFNQDKFREEAFKQLVGSVVLTRYNNRTYEIDDIAWDKNPRCAFQDHA
GSQITFVDYYKRAYDLDITDLEQPLLIHRPKKKQRGKQDEGRKEVEEMVCLVPELCAMTGLTDAARSDFKVMKDLAVHTR
VPPEKRAESFRKFIQRLNTTKEASELLHSWGLVLDSRMLDMQGRRLPPEKILFKHSSIVANMEADWSRECLKEHVISAVS
LLDWAVLFVRKDQGKATDFVNMLSKVCPPIGMEVHEPKMVEVVNDRTESYLRALRELIAPRLQMVVIVFPTSRDDRYSAV
KKLCCIESPIPSQVLIARTITQQQKLRSVAQKVALQMNAKLGGELWAVEIPLKSCMVVGIDVYHDKSYGNKSIAGFVAST
NPSFTRWYSRTAMQEQSQELIHELKLCMQAALKKYNEMNQSLPERIIVFRDGVGEGREEYVSEFEVPQFNSCFSIFGENY
CPKLAVVVVQKRITTRIFGRSGHSYDNPPPGVIVDHTITKSYDFYLVSQHVRQGTVSPTYYRVIYDKSGLKPDHLQRLTY
KLTHMYYNWPGTIRTPAPCNYAHKLAFLVGKSLHRDPAHELSDRLFFL
;
A
2 'polyribonucleotide' UCUCUUGAGUUGGACAAAUGGCA(OMG) B
3 'polyribonucleotide' UGUCCAACUCAAGAGA C
#
loop_
_chem_comp.id
_chem_comp.type
_chem_comp.name
_chem_comp.formula
A RNA linking ADENOSINE-5'-MONOPHOSPHATE 'C10 H14 N5 O7 P'
C RNA linking CYTIDINE-5'-MONOPHOSPHATE 'C9 H14 N3 O8 P'
G RNA linking GUANOSINE-5'-MONOPHOSPHATE 'C10 H14 N5 O8 P'
MG non-polymer 'MAGNESIUM ION' 'Mg 2'
OMG RNA linking O2'-METHYLGUANOSINE-5'-MONOPHOSPHATE 'C11 H16 N5 O8 P'
U RNA linking URIDINE-5'-MONOPHOSPHATE 'C9 H13 N2 O9 P'
#
# COMPACT_ATOMS: atom_id res chain seq x y z
N SER A 10 12.01 2.66 27.40
CA SER A 10 11.80 3.57 26.28
C SER A 10 11.31 2.80 25.05
N GLN A 11 11.15 3.51 23.93
CA GLN A 11 10.72 2.87 22.70
C GLN A 11 11.67 1.75 22.29
N ARG A 12 12.91 1.82 22.73
CA ARG A 12 13.95 0.90 22.31
C ARG A 12 13.56 -0.55 22.62
N GLY A 13 14.03 -1.46 21.79
CA GLY A 13 13.95 -2.87 22.07
C GLY A 13 15.23 -3.57 21.67
N SER A 14 15.68 -4.47 22.54
CA SER A 14 16.94 -5.17 22.36
C SER A 14 16.74 -6.65 22.62
N SER A 15 16.55 -7.44 21.56
CA SER A 15 16.43 -8.88 21.72
C SER A 15 17.48 -9.66 20.95
N GLY A 16 17.61 -9.41 19.64
CA GLY A 16 18.36 -10.27 18.76
C GLY A 16 19.76 -9.75 18.44
N GLN A 17 20.36 -10.38 17.45
CA GLN A 17 21.73 -10.08 17.03
C GLN A 17 21.76 -8.85 16.14
N PRO A 18 22.47 -7.78 16.51
CA PRO A 18 22.43 -6.57 15.69
C PRO A 18 22.91 -6.80 14.26
N VAL A 19 22.28 -6.12 13.32
CA VAL A 19 22.60 -6.22 11.90
C VAL A 19 22.73 -4.81 11.35
N PRO A 20 23.75 -4.50 10.56
CA PRO A 20 23.85 -3.14 9.99
C PRO A 20 22.98 -3.01 8.76
N VAL A 21 22.09 -2.01 8.77
CA VAL A 21 21.07 -1.84 7.75
C VAL A 21 21.23 -0.48 7.09
N SER A 22 20.35 -0.16 6.15
CA SER A 22 20.33 1.14 5.51
C SER A 22 18.95 1.38 4.95
N ALA A 23 18.44 2.59 5.13
CA ALA A 23 17.15 2.97 4.61
C ALA A 23 17.38 3.97 3.50
N ASN A 24 16.31 4.38 2.85
CA ASN A 24 16.43 5.34 1.74
C ASN A 24 16.09 6.75 2.20
N TYR A 25 16.87 7.30 3.14
CA TYR A 25 16.64 8.63 3.69
C TYR A 25 17.92 9.44 3.62
N LEU A 26 17.81 10.70 3.25
CA LEU A 26 18.94 11.63 3.33
C LEU A 26 18.70 12.57 4.49
N PRO A 27 19.29 12.36 5.65
CA PRO A 27 19.01 13.24 6.78
C PRO A 27 19.46 14.66 6.50
N LEU A 28 18.69 15.62 7.00
CA LEU A 28 19.00 17.04 6.89
C LEU A 28 19.49 17.56 8.23
N LYS A 29 20.16 18.70 8.21
CA LYS A 29 20.68 19.31 9.43
C LYS A 29 20.32 20.79 9.51
N GLY A 30 19.21 21.17 8.89
CA GLY A 30 18.80 22.57 8.93
C GLY A 30 18.53 23.03 10.35
N ASN A 31 19.02 24.23 10.66
CA ASN A 31 18.76 24.89 11.95
C ASN A 31 17.96 26.14 11.63
N MET A 32 16.63 26.01 11.70
CA MET A 32 15.72 27.04 11.22
C MET A 32 15.51 28.12 12.28
N ASP A 33 16.29 29.19 12.22
CA ASP A 33 16.16 30.32 13.12
C ASP A 33 16.25 31.62 12.34
N GLY A 34 15.65 32.67 12.89
CA GLY A 34 15.63 33.96 12.22
C GLY A 34 14.82 33.97 10.95
N VAL A 35 14.08 32.90 10.69
CA VAL A 35 13.31 32.76 9.46
C VAL A 35 11.84 32.91 9.80
N PHE A 36 11.54 33.68 10.84
CA PHE A 36 10.22 33.67 11.44
C PHE A 36 9.17 34.13 10.42
N LYS A 37 7.97 33.59 10.57
CA LYS A 37 6.90 33.84 9.61
C LYS A 37 6.61 35.34 9.54
N TYR A 38 6.50 35.85 8.32
CA TYR A 38 6.13 37.24 8.08
C TYR A 38 4.73 37.27 7.51
N ALA A 39 3.86 38.07 8.13
CA ALA A 39 2.47 38.16 7.72
C ALA A 39 2.27 39.34 6.77
N VAL A 40 1.69 39.05 5.61
CA VAL A 40 1.42 40.05 4.59
C VAL A 40 -0.01 40.53 4.74
N GLY A 41 -0.19 41.84 4.81
CA GLY A 41 -1.51 42.43 4.92
C GLY A 41 -1.67 43.65 4.04
N PHE A 42 -2.71 43.66 3.21
CA PHE A 42 -3.01 44.76 2.32
C PHE A 42 -4.41 45.28 2.61
N ASN A 43 -4.51 46.57 2.94
CA ASN A 43 -5.80 47.17 3.23
C ASN A 43 -6.69 47.12 1.99
N PRO A 44 -6.22 47.54 0.82
CA PRO A 44 -7.03 47.40 -0.39
C PRO A 44 -7.25 45.93 -0.69
N PRO A 45 -8.51 45.51 -0.88
CA PRO A 45 -8.75 44.10 -1.22
C PRO A 45 -8.11 43.72 -2.53
N VAL A 46 -7.10 42.86 -2.49
CA VAL A 46 -6.39 42.39 -3.68
C VAL A 46 -6.14 40.89 -3.47
N GLU A 47 -6.93 40.07 -4.14
CA GLU A 47 -6.83 38.61 -4.05
C GLU A 47 -6.52 38.08 -5.45
N ASP A 48 -5.24 38.07 -5.80
CA ASP A 48 -4.79 37.48 -7.06
C ASP A 48 -3.29 37.22 -6.94
N ILE A 49 -2.90 35.95 -6.98
CA ILE A 49 -1.52 35.58 -6.66
C ILE A 49 -0.55 36.36 -7.53
N ARG A 50 -0.83 36.41 -8.83
CA ARG A 50 0.00 37.13 -9.82
C ARG A 50 0.15 38.59 -9.37
N SER A 51 -0.96 39.26 -9.07
CA SER A 51 -0.96 40.66 -8.68
C SER A 51 -0.23 40.87 -7.36
N ARG A 52 -0.46 39.98 -6.40
CA ARG A 52 0.23 40.11 -5.11
C ARG A 52 1.73 39.97 -5.28
N SER A 53 2.17 39.03 -6.10
CA SER A 53 3.60 38.87 -6.37
C SER A 53 4.18 40.12 -7.01
N GLN A 54 3.48 40.66 -8.01
CA GLN A 54 3.96 41.87 -8.67
C GLN A 54 4.05 43.03 -7.68
N LEU A 55 3.04 43.17 -6.82
CA LEU A 55 3.06 44.23 -5.82
C LEU A 55 4.24 44.06 -4.86
N LEU A 56 4.45 42.83 -4.40
CA LEU A 56 5.53 42.57 -3.46
C LEU A 56 6.88 42.84 -4.11
N ASN A 57 7.00 42.60 -5.41
CA ASN A 57 8.26 42.80 -6.11
C ASN A 57 8.70 44.26 -6.07
N GLU A 58 7.80 45.19 -5.79
CA GLU A 58 8.15 46.61 -5.83
C GLU A 58 9.29 46.93 -4.86
N HIS A 59 9.19 46.43 -3.63
CA HIS A 59 10.21 46.66 -2.61
C HIS A 59 11.07 45.42 -2.41
N LYS A 60 11.35 44.73 -3.51
CA LYS A 60 12.05 43.45 -3.43
C LYS A 60 13.42 43.59 -2.78
N GLU A 61 14.22 44.54 -3.25
CA GLU A 61 15.61 44.61 -2.81
C GLU A 61 15.74 44.71 -1.30
N LEU A 62 14.80 45.39 -0.64
CA LEU A 62 14.86 45.53 0.82
C LEU A 62 14.48 44.26 1.55
N ILE A 63 13.97 43.24 0.86
CA ILE A 63 13.47 42.04 1.51
C ILE A 63 14.52 40.95 1.50
N GLY A 64 14.94 40.54 0.31
CA GLY A 64 15.87 39.43 0.18
C GLY A 64 15.73 38.77 -1.17
N LEU A 65 16.26 37.55 -1.25
CA LEU A 65 16.16 36.73 -2.46
C LEU A 65 15.76 35.30 -2.12
N THR A 66 14.92 35.13 -1.11
CA THR A 66 14.55 33.83 -0.56
C THR A 66 13.04 33.74 -0.36
N ARG A 67 12.29 34.12 -1.38
CA ARG A 67 10.84 34.19 -1.27
C ARG A 67 10.25 32.81 -1.02
N VAL A 68 9.40 32.73 -0.01
CA VAL A 68 8.42 31.64 0.12
C VAL A 68 7.09 32.33 0.35
N PHE A 69 6.38 32.63 -0.73
CA PHE A 69 5.15 33.41 -0.69
C PHE A 69 4.00 32.52 -1.16
N ASP A 70 3.13 32.17 -0.23
CA ASP A 70 1.93 31.40 -0.51
C ASP A 70 0.76 32.29 -0.95
N GLY A 71 0.98 33.59 -1.05
CA GLY A 71 -0.08 34.53 -1.34
C GLY A 71 -0.75 35.11 -0.13
N SER A 72 -0.46 34.60 1.06
CA SER A 72 -1.02 35.11 2.31
C SER A 72 0.03 35.43 3.36
N THR A 73 1.10 34.64 3.44
CA THR A 73 2.16 34.86 4.41
C THR A 73 3.50 34.75 3.69
N LEU A 74 4.58 34.86 4.44
CA LEU A 74 5.91 34.91 3.84
C LEU A 74 6.94 34.39 4.84
N TYR A 75 7.96 33.71 4.31
CA TYR A 75 9.11 33.28 5.09
C TYR A 75 10.37 33.76 4.41
N VAL A 76 11.31 34.26 5.20
CA VAL A 76 12.65 34.61 4.73
C VAL A 76 13.62 34.46 5.89
N PRO A 77 14.83 33.95 5.68
CA PRO A 77 15.74 33.73 6.80
C PRO A 77 16.43 35.01 7.25
N LYS A 78 16.73 35.89 6.31
CA LYS A 78 17.44 37.12 6.63
C LYS A 78 16.47 38.14 7.21
N ARG A 79 16.87 38.75 8.33
CA ARG A 79 16.05 39.78 8.95
C ARG A 79 15.99 41.02 8.06
N ILE A 80 14.78 41.51 7.82
CA ILE A 80 14.63 42.83 7.23
C ILE A 80 14.74 43.88 8.33
N CYS A 81 15.11 45.10 7.95
CA CYS A 81 15.45 46.10 8.95
C CYS A 81 14.21 46.72 9.58
N GLU A 82 13.29 45.86 10.03
CA GLU A 82 12.13 46.30 10.80
C GLU A 82 11.38 45.09 11.30
N GLN A 83 10.90 45.14 12.55
CA GLN A 83 10.13 44.04 13.10
C GLN A 83 8.74 44.02 12.49
N ARG A 84 7.97 45.09 12.71
CA ARG A 84 6.66 45.26 12.08
C ARG A 84 6.80 46.31 10.99
N LEU A 85 7.25 45.86 9.82
CA LEU A 85 7.47 46.78 8.71
C LEU A 85 6.15 47.21 8.09
N ASP A 86 6.05 48.49 7.77
CA ASP A 86 4.84 49.06 7.18
C ASP A 86 5.27 49.97 6.04
N LEU A 87 5.21 49.45 4.81
CA LEU A 87 5.54 50.19 3.61
C LEU A 87 4.29 50.34 2.75
N MET A 88 4.46 50.92 1.56
CA MET A 88 3.36 51.14 0.64
C MET A 88 3.77 50.65 -0.74
N SER A 89 2.78 50.21 -1.51
CA SER A 89 2.98 49.78 -2.88
C SER A 89 1.79 50.25 -3.70
N THR A 90 1.81 49.97 -5.00
CA THR A 90 0.73 50.37 -5.88
C THR A 90 0.55 49.31 -6.96
N ARG A 91 -0.70 49.03 -7.30
CA ARG A 91 -0.98 48.09 -8.38
C ARG A 91 -0.62 48.71 -9.72
N GLN A 92 -0.84 47.96 -10.79
CA GLN A 92 -0.66 48.46 -12.14
C GLN A 92 -1.84 48.18 -13.05
N THR A 93 -2.62 47.13 -12.80
CA THR A 93 -3.86 46.95 -13.55
C THR A 93 -4.89 48.02 -13.18
N ASP A 94 -4.89 48.47 -11.93
CA ASP A 94 -5.80 49.50 -11.47
C ASP A 94 -5.02 50.67 -10.87
N GLY A 95 -3.83 50.39 -10.36
CA GLY A 95 -3.02 51.42 -9.74
C GLY A 95 -3.34 51.72 -8.30
N ALA A 96 -4.18 50.91 -7.66
CA ALA A 96 -4.55 51.17 -6.28
C ALA A 96 -3.33 51.11 -5.38
N SER A 97 -3.18 52.11 -4.51
CA SER A 97 -2.07 52.16 -3.57
C SER A 97 -2.27 51.08 -2.51
N ILE A 98 -1.29 50.20 -2.37
CA ILE A 98 -1.36 49.07 -1.46
C ILE A 98 -0.53 49.34 -0.22
N LYS A 99 -1.10 49.05 0.94
CA LYS A 99 -0.47 49.29 2.22
C LYS A 99 0.12 47.98 2.74
N VAL A 100 1.42 48.00 3.03
CA VAL A 100 2.13 46.81 3.47
C VAL A 100 2.11 46.76 4.99
N THR A 101 1.76 45.59 5.54
CA THR A 101 1.79 45.36 6.98
C THR A 101 2.54 44.06 7.23
N ILE A 102 3.76 44.17 7.74
CA ILE A 102 4.59 43.02 8.08
C ILE A 102 4.53 42.81 9.58
N SER A 103 4.36 41.57 10.00
CA SER A 103 4.23 41.24 11.41
C SER A 103 4.98 39.94 11.69
N LEU A 104 5.76 39.92 12.77
CA LEU A 104 6.42 38.71 13.20
C LEU A 104 5.41 37.83 13.92
N VAL A 105 5.10 36.66 13.37
CA VAL A 105 4.02 35.86 13.91
C VAL A 105 4.50 35.08 15.14
N ASP A 106 5.43 34.15 14.94
CA ASP A 106 5.96 33.37 16.05
C ASP A 106 7.02 32.42 15.51
N SER A 107 7.71 31.75 16.43
CA SER A 107 8.70 30.73 16.11
C SER A 107 8.53 29.57 17.09
N VAL A 108 7.27 29.16 17.30
CA VAL A 108 6.93 28.25 18.39
C VAL A 108 7.36 26.82 18.09
N LYS A 109 6.97 26.28 16.94
CA LYS A 109 7.23 24.87 16.63
C LYS A 109 7.29 24.69 15.12
N ASN A 110 7.89 23.58 14.71
CA ASN A 110 8.05 23.23 13.30
C ASN A 110 6.95 22.25 12.91
N ARG A 111 5.70 22.68 13.00
CA ARG A 111 4.59 21.92 12.45
C ARG A 111 4.33 22.28 10.99
N ASP A 112 4.93 23.35 10.50
CA ASP A 112 4.85 23.73 9.10
C ASP A 112 6.19 23.81 8.40
N VAL A 113 7.31 23.83 9.14
CA VAL A 113 8.61 23.78 8.50
C VAL A 113 8.69 22.60 7.55
N VAL A 114 7.92 21.54 7.84
CA VAL A 114 7.80 20.46 6.86
C VAL A 114 7.25 20.99 5.55
N GLN A 115 6.20 21.83 5.63
CA GLN A 115 5.64 22.42 4.41
C GLN A 115 6.64 23.34 3.73
N LEU A 116 7.35 24.16 4.50
CA LEU A 116 8.34 25.06 3.91
C LEU A 116 9.42 24.26 3.19
N MET A 117 9.92 23.20 3.82
CA MET A 117 10.94 22.36 3.21
C MET A 117 10.40 21.68 1.97
N ASN A 118 9.16 21.20 2.02
CA ASN A 118 8.57 20.58 0.84
C ASN A 118 8.53 21.57 -0.31
N VAL A 119 8.16 22.82 -0.03
CA VAL A 119 8.11 23.83 -1.09
C VAL A 119 9.51 24.07 -1.66
N ILE A 120 10.49 24.31 -0.79
CA ILE A 120 11.81 24.63 -1.32
C ILE A 120 12.36 23.45 -2.10
N PHE A 121 12.00 22.21 -1.73
CA PHE A 121 12.49 21.09 -2.50
C PHE A 121 11.74 20.91 -3.81
N LYS A 122 10.44 21.20 -3.84
CA LYS A 122 9.76 21.20 -5.12
C LYS A 122 10.34 22.27 -6.03
N ARG A 123 11.00 23.27 -5.46
CA ARG A 123 11.71 24.25 -6.27
C ARG A 123 13.09 23.74 -6.68
N ILE A 124 13.79 23.08 -5.77
CA ILE A 124 15.12 22.57 -6.08
C ILE A 124 15.03 21.55 -7.21
N LEU A 125 14.08 20.62 -7.11
CA LEU A 125 13.94 19.62 -8.16
C LEU A 125 13.64 20.28 -9.50
N ARG A 126 13.05 21.47 -9.49
CA ARG A 126 12.97 22.25 -10.73
C ARG A 126 14.33 22.77 -11.14
N SER A 127 15.15 23.14 -10.15
CA SER A 127 16.46 23.70 -10.46
C SER A 127 17.32 22.74 -11.25
N LEU A 128 17.01 21.44 -11.20
CA LEU A 128 17.81 20.41 -11.86
C LEU A 128 17.29 20.07 -13.26
N LYS A 129 16.41 20.91 -13.82
CA LYS A 129 15.87 20.68 -15.17
C LYS A 129 15.11 19.36 -15.25
N LEU A 130 14.29 19.06 -14.24
CA LEU A 130 13.43 17.89 -14.27
C LEU A 130 12.02 18.30 -14.68
N GLN A 131 11.28 17.34 -15.24
CA GLN A 131 9.99 17.60 -15.87
C GLN A 131 8.88 17.06 -14.99
N ARG A 132 8.33 17.91 -14.13
CA ARG A 132 7.26 17.48 -13.24
C ARG A 132 6.13 16.86 -14.05
N ILE A 133 5.66 15.70 -13.60
CA ILE A 133 4.51 15.03 -14.21
C ILE A 133 3.72 14.44 -13.06
N GLY A 134 2.64 15.10 -12.67
CA GLY A 134 1.91 14.64 -11.49
C GLY A 134 2.81 14.68 -10.27
N ARG A 135 2.90 13.54 -9.57
CA ARG A 135 3.71 13.46 -8.37
C ARG A 135 5.20 13.32 -8.66
N ASP A 136 5.58 13.02 -9.90
CA ASP A 136 6.94 12.63 -10.22
C ASP A 136 7.70 13.76 -10.89
N TYR A 137 8.98 13.86 -10.55
CA TYR A 137 9.91 14.77 -11.21
C TYR A 137 10.86 13.91 -12.03
N TYR A 138 10.43 13.55 -13.23
CA TYR A 138 11.21 12.63 -14.05
C TYR A 138 12.48 13.28 -14.56
N ASP A 139 13.47 12.45 -14.84
CA ASP A 139 14.69 12.86 -15.49
C ASP A 139 14.57 12.61 -17.00
N ALA A 140 15.38 13.34 -17.76
CA ALA A 140 15.47 13.15 -19.19
C ALA A 140 16.87 12.85 -19.69
N ASN A 141 17.90 13.07 -18.87
CA ASN A 141 19.27 12.75 -19.26
C ASN A 141 19.68 11.35 -18.85
N SER A 142 18.83 10.64 -18.11
CA SER A 142 19.16 9.31 -17.58
C SER A 142 18.05 8.33 -17.93
N PRO A 143 17.78 8.12 -19.20
CA PRO A 143 16.81 7.10 -19.60
C PRO A 143 17.43 5.72 -19.49
N LEU A 144 16.58 4.69 -19.57
CA LEU A 144 16.98 3.30 -19.56
C LEU A 144 16.51 2.71 -20.89
N GLU A 145 17.34 2.87 -21.92
CA GLU A 145 16.94 2.50 -23.27
C GLU A 145 16.40 1.07 -23.29
N VAL A 146 15.42 0.86 -24.16
CA VAL A 146 14.88 -0.48 -24.43
C VAL A 146 14.74 -0.60 -25.93
N PRO A 147 15.82 -0.58 -26.69
CA PRO A 147 15.74 -0.40 -28.14
C PRO A 147 15.32 -1.66 -28.89
N GLN A 148 14.28 -2.30 -28.40
CA GLN A 148 13.67 -3.44 -29.07
C GLN A 148 12.18 -3.24 -29.30
N HIS A 149 11.52 -2.48 -28.43
CA HIS A 149 10.15 -2.02 -28.64
C HIS A 149 10.10 -0.57 -29.10
N LYS A 150 11.25 0.04 -29.37
CA LYS A 150 11.34 1.47 -29.63
C LYS A 150 10.93 2.30 -28.42
N MET A 151 10.75 1.66 -27.28
CA MET A 151 10.31 2.34 -26.08
C MET A 151 11.51 3.01 -25.41
N GLN A 152 11.31 3.50 -24.19
CA GLN A 152 12.35 4.12 -23.41
C GLN A 152 11.76 4.42 -22.05
N LEU A 153 12.60 4.38 -21.02
CA LEU A 153 12.14 4.33 -19.65
C LEU A 153 12.87 5.37 -18.83
N TRP A 154 12.13 6.31 -18.26
CA TRP A 154 12.73 7.40 -17.51
C TRP A 154 12.55 7.17 -16.02
N PRO A 155 13.52 7.55 -15.19
CA PRO A 155 13.36 7.42 -13.75
C PRO A 155 12.71 8.64 -13.12
N GLY A 156 11.83 8.37 -12.17
CA GLY A 156 11.10 9.43 -11.50
C GLY A 156 11.30 9.43 -10.01
N TYR A 157 11.71 10.55 -9.46
CA TYR A 157 11.94 10.69 -8.04
C TYR A 157 10.75 11.40 -7.40
N VAL A 158 10.42 11.01 -6.18
CA VAL A 158 9.32 11.62 -5.44
C VAL A 158 9.84 11.89 -4.03
N THR A 159 10.35 13.10 -3.81
CA THR A 159 10.87 13.48 -2.50
C THR A 159 9.73 13.93 -1.61
N ALA A 160 9.69 13.43 -0.39
CA ALA A 160 8.64 13.80 0.57
C ALA A 160 9.28 13.94 1.94
N ILE A 161 9.70 15.13 2.27
CA ILE A 161 10.38 15.40 3.54
C ILE A 161 9.39 15.23 4.68
N ASN A 162 9.90 14.86 5.85
CA ASN A 162 9.10 14.74 7.05
C ASN A 162 10.02 14.94 8.24
N ARG A 163 9.48 14.83 9.44
CA ARG A 163 10.29 14.87 10.65
C ARG A 163 10.21 13.52 11.36
N HIS A 164 11.37 12.91 11.55
CA HIS A 164 11.45 11.60 12.17
C HIS A 164 12.19 11.68 13.50
N GLU A 165 12.41 10.54 14.13
CA GLU A 165 13.15 10.52 15.39
C GLU A 165 14.54 11.14 15.24
N GLY A 166 15.10 11.08 14.03
CA GLY A 166 16.46 11.52 13.81
C GLY A 166 16.56 12.85 13.08
N GLY A 167 15.70 13.80 13.43
CA GLY A 167 15.73 15.09 12.78
C GLY A 167 14.74 15.19 11.65
N LEU A 168 15.21 15.62 10.49
CA LEU A 168 14.41 15.64 9.27
C LEU A 168 15.02 14.68 8.28
N MET A 169 14.19 14.01 7.49
CA MET A 169 14.68 13.00 6.56
C MET A 169 13.93 13.15 5.25
N LEU A 170 14.68 13.16 4.15
CA LEU A 170 14.06 13.19 2.83
C LEU A 170 13.81 11.75 2.39
N VAL A 171 12.59 11.27 2.58
CA VAL A 171 12.23 10.01 1.98
C VAL A 171 12.44 10.13 0.47
N LEU A 172 12.57 8.99 -0.19
CA LEU A 172 12.78 9.01 -1.63
C LEU A 172 12.26 7.71 -2.23
N ASP A 173 11.43 7.83 -3.27
CA ASP A 173 10.84 6.68 -3.94
C ASP A 173 11.03 6.86 -5.44
N VAL A 174 11.64 5.88 -6.08
CA VAL A 174 11.94 5.96 -7.51
C VAL A 174 10.87 5.24 -8.30
N SER A 175 10.24 5.95 -9.24
CA SER A 175 9.20 5.36 -10.06
C SER A 175 9.49 5.67 -11.53
N HIS A 176 9.21 4.71 -12.39
CA HIS A 176 9.54 4.79 -13.81
C HIS A 176 8.28 4.98 -14.62
N ARG A 177 8.34 5.87 -15.61
CA ARG A 177 7.21 6.07 -16.52
C ARG A 177 7.73 6.12 -17.95
N VAL A 178 7.17 5.26 -18.81
CA VAL A 178 7.75 4.98 -20.12
C VAL A 178 7.54 6.15 -21.06
N MET A 179 8.44 6.31 -22.03
CA MET A 179 8.35 7.40 -23.00
C MET A 179 8.67 6.79 -24.36
N LYS A 180 7.67 6.56 -25.19
CA LYS A 180 7.98 5.94 -26.47
C LYS A 180 8.95 6.82 -27.25
N THR A 181 9.39 6.31 -28.41
CA THR A 181 10.36 7.02 -29.24
C THR A 181 9.92 7.19 -30.68
N ASP A 182 9.14 6.29 -31.23
CA ASP A 182 8.64 6.47 -32.59
C ASP A 182 7.66 7.65 -32.62
N THR A 183 7.75 8.43 -33.70
CA THR A 183 6.91 9.61 -33.83
C THR A 183 5.44 9.21 -33.86
N ALA A 184 4.59 10.08 -33.32
CA ALA A 184 3.17 9.77 -33.25
C ALA A 184 2.60 9.47 -34.63
N LEU A 185 3.13 10.11 -35.68
CA LEU A 185 2.68 9.75 -37.03
C LEU A 185 2.94 8.28 -37.33
N ASP A 186 3.99 7.69 -36.78
CA ASP A 186 4.19 6.25 -36.95
C ASP A 186 3.01 5.49 -36.36
N PHE A 187 2.56 5.89 -35.17
CA PHE A 187 1.40 5.25 -34.57
C PHE A 187 0.18 5.41 -35.45
N LEU A 188 -0.03 6.61 -36.01
CA LEU A 188 -1.17 6.80 -36.90
C LEU A 188 -1.07 5.90 -38.12
N TYR A 189 0.12 5.81 -38.70
CA TYR A 189 0.31 4.95 -39.87
C TYR A 189 -0.03 3.50 -39.54
N GLU A 190 0.52 2.98 -38.45
CA GLU A 190 0.37 1.57 -38.12
C GLU A 190 -0.92 1.30 -37.35
N LEU A 191 -1.73 2.33 -37.19
CA LEU A 191 -3.08 2.13 -36.69
C LEU A 191 -4.08 1.88 -37.81
N TYR A 192 -3.89 2.50 -38.97
CA TYR A 192 -4.73 2.19 -40.12
C TYR A 192 -4.14 1.02 -40.91
N HIS A 193 -2.91 1.16 -41.39
CA HIS A 193 -2.29 0.12 -42.19
C HIS A 193 -0.78 0.08 -41.95
N PHE A 204 -8.09 5.66 -33.15
CA PHE A 204 -8.94 6.84 -33.07
C PHE A 204 -9.02 7.30 -31.63
N LYS A 205 -8.97 6.36 -30.71
CA LYS A 205 -9.35 6.58 -29.33
C LYS A 205 -8.20 6.39 -28.35
N GLN A 206 -7.02 5.95 -28.81
CA GLN A 206 -5.89 5.76 -27.91
C GLN A 206 -5.23 7.07 -27.52
N LEU A 207 -5.27 8.08 -28.40
CA LEU A 207 -4.56 9.32 -28.12
C LEU A 207 -5.23 10.09 -26.99
N VAL A 208 -6.55 10.25 -27.04
CA VAL A 208 -7.26 11.04 -26.04
C VAL A 208 -6.93 10.50 -24.66
N GLY A 209 -6.53 11.39 -23.76
CA GLY A 209 -6.09 11.02 -22.43
C GLY A 209 -4.63 10.62 -22.35
N SER A 210 -3.92 10.56 -23.47
CA SER A 210 -2.52 10.20 -23.48
C SER A 210 -1.66 11.43 -23.18
N VAL A 211 -0.72 11.28 -22.25
CA VAL A 211 0.12 12.41 -21.82
C VAL A 211 1.28 12.47 -22.81
N VAL A 212 1.01 13.11 -23.96
CA VAL A 212 2.05 13.28 -24.95
C VAL A 212 3.05 14.32 -24.48
N LEU A 213 4.27 14.22 -25.00
CA LEU A 213 5.26 15.28 -24.78
C LEU A 213 6.03 15.49 -26.06
N THR A 214 6.51 16.71 -26.24
CA THR A 214 7.40 17.05 -27.34
C THR A 214 8.84 16.89 -26.90
N ARG A 215 9.69 16.54 -27.85
CA ARG A 215 11.09 16.25 -27.60
C ARG A 215 11.99 17.47 -27.63
N TYR A 216 11.63 18.50 -28.42
CA TYR A 216 12.55 19.61 -28.62
C TYR A 216 12.86 20.31 -27.30
N ASN A 217 11.89 20.38 -26.40
CA ASN A 217 12.07 21.05 -25.11
C ASN A 217 11.73 20.14 -23.94
N ASN A 218 11.30 18.91 -24.19
CA ASN A 218 10.94 17.97 -23.13
C ASN A 218 9.88 18.58 -22.21
N ARG A 219 8.77 19.00 -22.84
CA ARG A 219 7.62 19.54 -22.12
C ARG A 219 6.46 18.57 -22.29
N THR A 220 5.86 18.17 -21.18
CA THR A 220 4.70 17.29 -21.24
C THR A 220 3.50 18.03 -21.81
N TYR A 221 2.50 17.28 -22.26
CA TYR A 221 1.28 17.87 -22.76
C TYR A 221 0.17 16.83 -22.66
N GLU A 222 -0.74 17.02 -21.70
CA GLU A 222 -1.95 16.23 -21.70
C GLU A 222 -2.79 16.61 -22.92
N ILE A 223 -3.53 15.65 -23.43
CA ILE A 223 -4.28 15.83 -24.68
C ILE A 223 -5.76 15.75 -24.38
N ASP A 224 -6.54 16.61 -25.05
CA ASP A 224 -7.97 16.69 -24.89
C ASP A 224 -8.72 16.06 -26.05
N ASP A 225 -8.43 16.47 -27.29
CA ASP A 225 -9.16 15.96 -28.44
C ASP A 225 -8.32 16.14 -29.69
N ILE A 226 -8.75 15.46 -30.76
CA ILE A 226 -8.11 15.52 -32.06
C ILE A 226 -9.11 16.07 -33.07
N ALA A 227 -8.59 16.75 -34.09
CA ALA A 227 -9.41 17.34 -35.13
C ALA A 227 -8.84 16.94 -36.49
N TRP A 228 -9.56 16.06 -37.19
CA TRP A 228 -9.09 15.57 -38.49
C TRP A 228 -9.45 16.53 -39.62
N ASP A 229 -9.15 17.82 -39.45
CA ASP A 229 -9.49 18.81 -40.46
C ASP A 229 -8.41 19.87 -40.63
N LYS A 230 -7.29 19.76 -39.94
CA LYS A 230 -6.29 20.81 -39.91
C LYS A 230 -4.96 20.26 -40.39
N ASN A 231 -4.03 21.17 -40.63
CA ASN A 231 -2.72 20.82 -41.17
C ASN A 231 -1.68 21.83 -40.73
N PRO A 232 -0.40 21.56 -40.97
CA PRO A 232 0.62 22.61 -40.75
C PRO A 232 0.41 23.82 -41.64
N ARG A 233 -0.37 23.70 -42.71
CA ARG A 233 -0.62 24.85 -43.58
C ARG A 233 -1.29 25.97 -42.80
N CYS A 234 -2.11 25.64 -41.80
CA CYS A 234 -2.77 26.67 -41.02
C CYS A 234 -1.74 27.54 -40.30
N ALA A 235 -2.09 28.81 -40.13
CA ALA A 235 -1.20 29.79 -39.52
C ALA A 235 -1.86 30.34 -38.26
N PHE A 236 -1.13 30.34 -37.16
CA PHE A 236 -1.60 30.91 -35.91
C PHE A 236 -0.95 32.27 -35.68
N GLN A 237 -1.74 33.22 -35.18
CA GLN A 237 -1.22 34.55 -34.88
C GLN A 237 -0.23 34.47 -33.72
N ASP A 238 1.02 34.85 -33.99
CA ASP A 238 2.09 34.69 -33.01
C ASP A 238 2.03 35.80 -31.99
N HIS A 239 1.92 35.44 -30.71
CA HIS A 239 1.92 36.40 -29.62
C HIS A 239 0.92 37.52 -29.88
N ALA A 240 -0.26 37.16 -30.39
CA ALA A 240 -1.27 38.14 -30.78
C ALA A 240 -0.72 39.12 -31.81
N GLY A 241 0.19 38.65 -32.66
CA GLY A 241 0.82 39.49 -33.65
C GLY A 241 0.37 39.18 -35.06
N SER A 242 1.19 38.45 -35.80
CA SER A 242 0.93 38.13 -37.20
C SER A 242 0.73 36.62 -37.37
N GLN A 243 -0.08 36.27 -38.35
CA GLN A 243 -0.30 34.86 -38.66
C GLN A 243 0.98 34.23 -39.20
N ILE A 244 1.29 33.03 -38.71
CA ILE A 244 2.47 32.30 -39.15
C ILE A 244 2.18 30.81 -39.15
N THR A 245 2.56 30.13 -40.23
CA THR A 245 2.33 28.70 -40.34
C THR A 245 3.17 27.94 -39.32
N PHE A 246 2.65 26.79 -38.87
CA PHE A 246 3.38 25.97 -37.92
C PHE A 246 4.76 25.62 -38.43
N VAL A 247 4.90 25.36 -39.73
CA VAL A 247 6.19 25.00 -40.28
C VAL A 247 7.20 26.09 -40.01
N ASP A 248 6.85 27.34 -40.36
CA ASP A 248 7.76 28.45 -40.11
C ASP A 248 8.00 28.64 -38.62
N TYR A 249 6.95 28.50 -37.81
CA TYR A 249 7.09 28.63 -36.36
C TYR A 249 8.17 27.69 -35.85
N TYR A 250 8.06 26.41 -36.18
CA TYR A 250 9.01 25.43 -35.68
C TYR A 250 10.38 25.59 -36.30
N LYS A 251 10.47 25.95 -37.58
CA LYS A 251 11.77 26.17 -38.19
C LYS A 251 12.50 27.31 -37.49
N ARG A 252 11.77 28.38 -37.16
CA ARG A 252 12.42 29.55 -36.59
C ARG A 252 12.72 29.39 -35.11
N ALA A 253 11.88 28.64 -34.38
CA ALA A 253 12.05 28.53 -32.94
C ALA A 253 12.82 27.29 -32.50
N TYR A 254 12.94 26.27 -33.36
CA TYR A 254 13.60 25.03 -33.00
C TYR A 254 14.49 24.47 -34.10
N ASP A 255 14.55 25.10 -35.27
CA ASP A 255 15.43 24.67 -36.35
C ASP A 255 15.14 23.22 -36.75
N LEU A 256 13.92 23.01 -37.24
CA LEU A 256 13.51 21.69 -37.72
C LEU A 256 12.38 21.86 -38.71
N ASP A 257 12.10 20.80 -39.46
CA ASP A 257 11.10 20.86 -40.53
C ASP A 257 10.13 19.70 -40.36
N ILE A 258 9.01 19.79 -41.07
CA ILE A 258 7.93 18.82 -41.02
C ILE A 258 7.63 18.36 -42.44
N THR A 259 7.52 17.04 -42.63
CA THR A 259 7.36 16.46 -43.95
C THR A 259 5.89 16.40 -44.37
N ASP A 260 5.06 15.73 -43.58
CA ASP A 260 3.66 15.58 -43.94
C ASP A 260 2.99 16.95 -44.10
N LEU A 261 1.87 16.95 -44.82
CA LEU A 261 1.15 18.18 -45.12
C LEU A 261 -0.35 18.09 -44.87
N GLU A 262 -0.88 16.90 -44.58
CA GLU A 262 -2.33 16.73 -44.41
C GLU A 262 -2.63 15.89 -43.17
N GLN A 263 -1.67 15.79 -42.26
CA GLN A 263 -1.81 14.97 -41.07
C GLN A 263 -2.74 15.64 -40.06
N PRO A 264 -3.27 14.89 -39.11
CA PRO A 264 -4.11 15.50 -38.07
C PRO A 264 -3.31 16.42 -37.17
N LEU A 265 -3.99 17.07 -36.24
CA LEU A 265 -3.34 17.88 -35.22
C LEU A 265 -3.93 17.54 -33.86
N LEU A 266 -3.13 17.66 -32.82
CA LEU A 266 -3.49 17.25 -31.48
C LEU A 266 -3.76 18.48 -30.62
N ILE A 267 -4.94 18.52 -30.01
CA ILE A 267 -5.47 19.72 -29.38
C ILE A 267 -5.36 19.60 -27.87
N HIS A 268 -4.87 20.66 -27.24
CA HIS A 268 -4.72 20.71 -25.79
C HIS A 268 -5.17 22.08 -25.32
N ARG A 269 -5.98 22.12 -24.27
CA ARG A 269 -6.44 23.36 -23.68
C ARG A 269 -6.39 23.26 -22.15
N PRO A 270 -5.69 24.20 -21.47
CA PRO A 270 -5.60 24.10 -20.01
C PRO A 270 -6.91 24.47 -19.34
N LYS A 271 -6.91 24.50 -18.01
CA LYS A 271 -8.09 24.89 -17.26
C LYS A 271 -8.51 26.32 -17.63
N GLU A 287 -5.56 29.21 -24.38
CA GLU A 287 -6.28 28.96 -25.62
C GLU A 287 -5.96 27.55 -26.14
N MET A 288 -6.47 27.23 -27.33
CA MET A 288 -6.23 25.92 -27.92
C MET A 288 -4.79 25.81 -28.41
N VAL A 289 -4.15 24.71 -28.05
CA VAL A 289 -2.75 24.45 -28.39
C VAL A 289 -2.72 23.34 -29.44
N CYS A 290 -2.02 23.58 -30.54
CA CYS A 290 -1.91 22.62 -31.62
C CYS A 290 -0.53 21.95 -31.56
N LEU A 291 -0.52 20.63 -31.36
CA LEU A 291 0.70 19.84 -31.36
C LEU A 291 0.74 18.99 -32.62
N VAL A 292 1.84 19.06 -33.34
CA VAL A 292 1.98 18.37 -34.62
C VAL A 292 2.32 16.90 -34.39
N PRO A 293 1.65 15.96 -35.06
CA PRO A 293 1.89 14.54 -34.76
C PRO A 293 3.07 13.95 -35.52
N GLU A 294 4.19 14.67 -35.58
CA GLU A 294 5.45 14.08 -36.03
C GLU A 294 6.58 14.34 -35.06
N LEU A 295 6.57 15.48 -34.39
CA LEU A 295 7.50 15.76 -33.32
C LEU A 295 6.92 15.48 -31.94
N CYS A 296 5.76 14.82 -31.89
CA CYS A 296 5.21 14.38 -30.62
C CYS A 296 5.56 12.92 -30.37
N ALA A 297 5.77 12.60 -29.09
CA ALA A 297 6.14 11.25 -28.69
C ALA A 297 5.22 10.82 -27.55
N MET A 298 4.47 9.75 -27.79
CA MET A 298 3.47 9.33 -26.82
C MET A 298 4.14 8.94 -25.51
N THR A 299 3.31 8.60 -24.52
CA THR A 299 3.80 8.12 -23.24
C THR A 299 2.88 7.01 -22.76
N GLY A 300 3.05 6.63 -21.51
CA GLY A 300 2.31 5.50 -20.98
C GLY A 300 2.40 4.31 -21.91
N LEU A 301 1.38 3.46 -21.85
CA LEU A 301 1.29 2.29 -22.71
C LEU A 301 -0.07 2.28 -23.39
N THR A 302 -0.08 1.76 -24.62
CA THR A 302 -1.32 1.62 -25.36
C THR A 302 -2.06 0.39 -24.84
N ASP A 303 -3.11 -0.02 -25.54
CA ASP A 303 -3.79 -1.26 -25.21
C ASP A 303 -3.03 -2.48 -25.72
N ALA A 304 -2.63 -2.46 -27.00
CA ALA A 304 -1.82 -3.56 -27.52
C ALA A 304 -0.47 -3.62 -26.82
N ALA A 305 0.04 -2.48 -26.37
CA ALA A 305 1.32 -2.48 -25.67
C ALA A 305 1.24 -3.28 -24.37
N ARG A 306 0.16 -3.11 -23.59
CA ARG A 306 -0.03 -3.93 -22.40
C ARG A 306 -0.47 -5.34 -22.74
N SER A 307 -1.08 -5.55 -23.91
CA SER A 307 -1.55 -6.89 -24.27
C SER A 307 -0.39 -7.87 -24.32
N ASP A 308 0.71 -7.49 -24.95
CA ASP A 308 1.87 -8.36 -25.03
C ASP A 308 2.42 -8.63 -23.63
N PHE A 309 3.03 -9.81 -23.47
CA PHE A 309 3.69 -10.14 -22.21
C PHE A 309 5.20 -10.03 -22.31
N LYS A 310 5.77 -10.10 -23.52
CA LYS A 310 7.20 -9.86 -23.64
C LYS A 310 7.56 -8.44 -23.25
N VAL A 311 6.70 -7.47 -23.57
CA VAL A 311 6.94 -6.09 -23.16
C VAL A 311 6.94 -6.00 -21.65
N MET A 312 5.96 -6.65 -21.01
CA MET A 312 5.92 -6.66 -19.56
C MET A 312 7.17 -7.32 -18.97
N LYS A 313 7.63 -8.42 -19.57
CA LYS A 313 8.82 -9.08 -19.05
C LYS A 313 10.05 -8.20 -19.21
N ASP A 314 10.15 -7.49 -20.35
CA ASP A 314 11.27 -6.60 -20.55
C ASP A 314 11.28 -5.47 -19.53
N LEU A 315 10.11 -4.87 -19.28
CA LEU A 315 10.02 -3.74 -18.37
C LEU A 315 9.93 -4.17 -16.91
N ALA A 316 9.82 -5.46 -16.65
CA ALA A 316 9.89 -5.95 -15.28
C ALA A 316 11.32 -6.00 -14.75
N VAL A 317 12.30 -6.14 -15.64
CA VAL A 317 13.69 -6.15 -15.20
C VAL A 317 14.05 -4.81 -14.58
N HIS A 318 13.62 -3.72 -15.21
CA HIS A 318 14.00 -2.38 -14.78
C HIS A 318 13.08 -1.80 -13.73
N THR A 319 11.83 -2.26 -13.65
CA THR A 319 10.90 -1.78 -12.63
C THR A 319 10.99 -2.60 -11.35
N ARG A 320 11.04 -3.92 -11.45
CA ARG A 320 11.21 -4.78 -10.29
C ARG A 320 12.70 -4.95 -10.04
N VAL A 321 13.25 -4.09 -9.18
CA VAL A 321 14.68 -3.90 -9.06
C VAL A 321 15.13 -4.52 -7.74
N PRO A 322 16.07 -5.47 -7.75
CA PRO A 322 16.65 -5.96 -6.49
C PRO A 322 17.27 -4.81 -5.72
N PRO A 323 17.57 -4.99 -4.44
CA PRO A 323 18.08 -3.87 -3.64
C PRO A 323 19.41 -3.32 -4.13
N GLU A 324 20.21 -4.11 -4.85
CA GLU A 324 21.46 -3.59 -5.37
C GLU A 324 21.21 -2.44 -6.35
N LYS A 325 20.53 -2.73 -7.45
CA LYS A 325 20.23 -1.67 -8.41
C LYS A 325 19.38 -0.57 -7.80
N ARG A 326 18.57 -0.89 -6.79
CA ARG A 326 17.79 0.16 -6.14
C ARG A 326 18.68 1.16 -5.41
N ALA A 327 19.60 0.67 -4.59
CA ALA A 327 20.51 1.57 -3.92
C ALA A 327 21.40 2.30 -4.91
N GLU A 328 21.79 1.65 -6.00
CA GLU A 328 22.58 2.34 -7.00
C GLU A 328 21.79 3.48 -7.63
N SER A 329 20.51 3.25 -7.92
CA SER A 329 19.69 4.32 -8.49
C SER A 329 19.45 5.44 -7.49
N PHE A 330 19.44 5.14 -6.19
CA PHE A 330 19.35 6.20 -5.20
C PHE A 330 20.63 7.02 -5.12
N ARG A 331 21.78 6.34 -5.13
CA ARG A 331 23.04 7.07 -5.11
C ARG A 331 23.23 7.88 -6.38
N LYS A 332 22.70 7.41 -7.51
CA LYS A 332 22.69 8.24 -8.71
C LYS A 332 21.93 9.53 -8.48
N PHE A 333 20.76 9.44 -7.85
CA PHE A 333 19.98 10.64 -7.58
C PHE A 333 20.75 11.61 -6.68
N ILE A 334 21.28 11.12 -5.58
CA ILE A 334 21.99 12.02 -4.68
C ILE A 334 23.18 12.66 -5.41
N GLN A 335 23.90 11.86 -6.20
CA GLN A 335 25.03 12.41 -6.93
C GLN A 335 24.59 13.53 -7.86
N ARG A 336 23.53 13.30 -8.63
CA ARG A 336 23.00 14.36 -9.47
C ARG A 336 22.56 15.56 -8.65
N LEU A 337 22.11 15.34 -7.42
CA LEU A 337 21.67 16.46 -6.60
C LEU A 337 22.85 17.33 -6.16
N ASN A 338 23.90 16.71 -5.65
CA ASN A 338 25.03 17.47 -5.13
C ASN A 338 26.04 17.87 -6.18
N THR A 339 25.94 17.32 -7.39
CA THR A 339 26.84 17.68 -8.48
C THR A 339 26.22 18.72 -9.39
N THR A 340 25.40 19.60 -8.82
CA THR A 340 24.87 20.75 -9.53
C THR A 340 24.86 21.93 -8.57
N LYS A 341 25.54 23.00 -8.94
CA LYS A 341 25.69 24.13 -8.02
C LYS A 341 24.34 24.64 -7.54
N GLU A 342 23.40 24.88 -8.47
CA GLU A 342 22.13 25.49 -8.11
C GLU A 342 21.61 24.96 -6.78
N ALA A 343 21.51 23.64 -6.64
CA ALA A 343 21.03 23.07 -5.38
C ALA A 343 21.96 23.46 -4.24
N SER A 344 23.27 23.41 -4.46
CA SER A 344 24.20 23.71 -3.39
C SER A 344 23.99 25.12 -2.85
N GLU A 345 24.01 26.12 -3.74
CA GLU A 345 23.89 27.48 -3.23
C GLU A 345 22.47 27.79 -2.76
N LEU A 346 21.45 27.13 -3.31
CA LEU A 346 20.10 27.35 -2.79
C LEU A 346 19.99 26.84 -1.36
N LEU A 347 20.46 25.61 -1.12
CA LEU A 347 20.48 25.11 0.24
C LEU A 347 21.29 26.01 1.15
N HIS A 348 22.46 26.45 0.70
CA HIS A 348 23.26 27.35 1.51
C HIS A 348 22.53 28.65 1.79
N SER A 349 21.76 29.15 0.82
CA SER A 349 20.97 30.35 1.04
C SER A 349 19.97 30.13 2.16
N TRP A 350 19.32 28.97 2.16
CA TRP A 350 18.51 28.61 3.33
C TRP A 350 19.35 28.07 4.47
N GLY A 351 20.62 27.73 4.21
CA GLY A 351 21.57 27.43 5.26
C GLY A 351 21.49 26.02 5.80
N LEU A 352 20.61 25.18 5.27
CA LEU A 352 20.47 23.82 5.78
C LEU A 352 21.28 22.86 4.91
N VAL A 353 22.10 22.06 5.56
CA VAL A 353 23.06 21.18 4.89
C VAL A 353 22.39 19.85 4.59
N LEU A 354 22.59 19.36 3.37
CA LEU A 354 22.09 18.06 2.94
C LEU A 354 23.21 17.04 3.01
N ASP A 355 22.85 15.81 3.35
CA ASP A 355 23.81 14.74 3.57
C ASP A 355 24.19 14.08 2.26
N SER A 356 25.34 13.40 2.26
CA SER A 356 25.93 12.89 1.03
C SER A 356 25.81 11.37 0.87
N ARG A 357 25.07 10.68 1.73
CA ARG A 357 24.91 9.25 1.60
C ARG A 357 23.63 8.81 2.30
N MET A 358 23.14 7.63 1.93
CA MET A 358 21.91 7.13 2.54
C MET A 358 22.05 7.12 4.04
N LEU A 359 20.94 6.88 4.72
CA LEU A 359 20.95 6.82 6.17
C LEU A 359 21.53 5.49 6.59
N ASP A 360 22.84 5.43 6.78
CA ASP A 360 23.42 4.27 7.43
C ASP A 360 22.82 4.13 8.81
N MET A 361 22.67 2.89 9.27
CA MET A 361 21.91 2.65 10.48
C MET A 361 22.37 1.34 11.08
N GLN A 362 21.77 0.96 12.20
CA GLN A 362 22.05 -0.31 12.84
C GLN A 362 20.80 -0.81 13.52
N GLY A 363 20.09 -1.72 12.86
CA GLY A 363 18.92 -2.32 13.43
C GLY A 363 19.28 -3.57 14.18
N ARG A 364 18.37 -4.54 14.23
CA ARG A 364 18.70 -5.81 14.85
C ARG A 364 17.81 -6.89 14.24
N ARG A 365 18.21 -8.13 14.43
CA ARG A 365 17.54 -9.28 13.84
C ARG A 365 17.07 -10.21 14.95
N LEU A 366 15.77 -10.37 15.07
CA LEU A 366 15.21 -11.26 16.07
C LEU A 366 15.50 -12.71 15.72
N PRO A 367 15.56 -13.59 16.71
CA PRO A 367 16.01 -14.96 16.45
C PRO A 367 15.03 -15.69 15.56
N PRO A 368 15.39 -16.88 15.08
CA PRO A 368 14.41 -17.71 14.38
C PRO A 368 13.32 -18.19 15.32
N GLU A 369 12.27 -18.79 14.79
CA GLU A 369 11.10 -19.17 15.58
C GLU A 369 10.88 -20.67 15.49
N LYS A 370 10.69 -21.29 16.66
CA LYS A 370 10.49 -22.74 16.77
C LYS A 370 9.07 -23.08 16.35
N ILE A 371 8.91 -23.61 15.13
CA ILE A 371 7.61 -24.15 14.74
C ILE A 371 7.36 -25.45 15.48
N LEU A 372 6.18 -25.58 16.04
CA LEU A 372 5.79 -26.78 16.78
C LEU A 372 4.84 -27.61 15.93
N PHE A 373 4.63 -28.83 16.39
CA PHE A 373 3.64 -29.73 15.80
C PHE A 373 3.18 -30.66 16.92
N LYS A 374 2.54 -31.76 16.55
CA LYS A 374 2.23 -32.82 17.48
C LYS A 374 3.32 -33.88 17.35
N HIS A 375 4.16 -34.02 18.37
CA HIS A 375 5.27 -34.96 18.36
C HIS A 375 6.39 -34.52 17.40
N SER A 376 6.73 -33.24 17.41
CA SER A 376 7.80 -32.76 16.55
C SER A 376 8.12 -31.32 16.90
N SER A 377 9.02 -30.73 16.13
CA SER A 377 9.36 -29.32 16.20
C SER A 377 10.39 -29.06 15.11
N ILE A 378 10.59 -27.78 14.80
CA ILE A 378 11.63 -27.39 13.86
C ILE A 378 11.83 -25.89 13.97
N VAL A 379 13.07 -25.43 13.81
CA VAL A 379 13.34 -24.00 13.78
C VAL A 379 13.27 -23.52 12.33
N ALA A 380 12.49 -22.47 12.11
CA ALA A 380 12.21 -22.03 10.76
C ALA A 380 13.51 -21.76 10.02
N ASN A 381 13.42 -21.75 8.70
CA ASN A 381 14.60 -21.54 7.87
C ASN A 381 15.13 -20.14 8.09
N MET A 382 16.23 -19.81 7.41
CA MET A 382 16.58 -18.41 7.28
C MET A 382 15.59 -17.68 6.39
N GLU A 383 14.90 -18.40 5.50
CA GLU A 383 13.82 -17.83 4.71
C GLU A 383 12.49 -17.80 5.46
N ALA A 384 12.43 -18.46 6.61
CA ALA A 384 11.19 -18.59 7.37
C ALA A 384 10.06 -19.07 6.47
N ASP A 385 10.23 -20.28 5.93
CA ASP A 385 9.22 -20.91 5.08
C ASP A 385 9.36 -22.41 5.27
N TRP A 386 8.55 -22.95 6.19
CA TRP A 386 8.57 -24.37 6.52
C TRP A 386 7.46 -25.13 5.80
N SER A 387 7.38 -24.99 4.47
CA SER A 387 6.40 -25.76 3.73
C SER A 387 6.77 -27.24 3.71
N ARG A 388 8.04 -27.54 3.43
CA ARG A 388 8.47 -28.92 3.32
C ARG A 388 8.23 -29.67 4.62
N GLU A 389 8.59 -29.06 5.75
CA GLU A 389 8.41 -29.74 7.03
C GLU A 389 6.94 -29.96 7.33
N CYS A 390 6.09 -28.99 6.99
CA CYS A 390 4.67 -29.12 7.32
C CYS A 390 4.00 -30.17 6.46
N LEU A 391 4.44 -30.33 5.21
CA LEU A 391 3.79 -31.28 4.32
C LEU A 391 4.04 -32.73 4.68
N LYS A 392 4.91 -33.01 5.65
CA LYS A 392 5.17 -34.39 6.03
C LYS A 392 5.22 -34.58 7.54
N GLU A 393 4.66 -33.67 8.32
CA GLU A 393 4.63 -33.78 9.77
C GLU A 393 3.18 -33.81 10.24
N HIS A 394 2.98 -34.27 11.47
CA HIS A 394 1.65 -34.45 12.01
C HIS A 394 1.14 -33.15 12.60
N VAL A 395 0.08 -32.60 12.00
CA VAL A 395 -0.54 -31.37 12.47
C VAL A 395 -1.06 -31.59 13.89
N ILE A 396 -1.28 -30.51 14.62
CA ILE A 396 -1.60 -30.64 16.04
C ILE A 396 -2.93 -31.33 16.24
N SER A 397 -4.01 -30.74 15.75
CA SER A 397 -5.33 -31.32 15.84
C SER A 397 -5.84 -31.56 14.43
N ALA A 398 -6.18 -32.81 14.13
CA ALA A 398 -6.65 -33.21 12.81
C ALA A 398 -8.03 -33.84 12.99
N VAL A 399 -9.01 -33.31 12.27
CA VAL A 399 -10.36 -33.88 12.33
C VAL A 399 -10.53 -34.91 11.24
N SER A 400 -10.96 -36.10 11.61
CA SER A 400 -11.19 -37.18 10.65
C SER A 400 -12.36 -36.79 9.76
N LEU A 401 -12.09 -36.63 8.47
CA LEU A 401 -13.10 -36.19 7.51
C LEU A 401 -13.90 -37.40 7.04
N LEU A 402 -14.72 -37.92 7.96
CA LEU A 402 -15.47 -39.14 7.70
C LEU A 402 -16.56 -38.91 6.67
N ASP A 403 -17.49 -38.01 6.95
CA ASP A 403 -18.64 -37.75 6.09
C ASP A 403 -18.48 -36.39 5.44
N TRP A 404 -18.41 -36.38 4.12
CA TRP A 404 -18.33 -35.13 3.36
C TRP A 404 -18.76 -35.44 1.94
N ALA A 405 -18.87 -34.39 1.13
CA ALA A 405 -19.43 -34.56 -0.21
C ALA A 405 -18.83 -33.56 -1.17
N VAL A 406 -18.28 -34.07 -2.26
CA VAL A 406 -17.85 -33.22 -3.35
C VAL A 406 -19.09 -32.80 -4.13
N LEU A 407 -18.94 -31.82 -5.01
CA LEU A 407 -20.09 -31.28 -5.73
C LEU A 407 -19.58 -30.61 -7.01
N PHE A 408 -19.90 -31.20 -8.15
CA PHE A 408 -19.30 -30.78 -9.41
C PHE A 408 -20.28 -30.99 -10.54
N VAL A 409 -20.07 -30.26 -11.63
CA VAL A 409 -20.83 -30.45 -12.84
C VAL A 409 -20.21 -31.60 -13.62
N ARG A 410 -21.04 -32.28 -14.41
CA ARG A 410 -20.58 -33.51 -15.05
C ARG A 410 -19.35 -33.31 -15.91
N LYS A 411 -19.19 -32.13 -16.52
CA LYS A 411 -18.02 -31.92 -17.35
C LYS A 411 -16.73 -32.08 -16.57
N ASP A 412 -16.75 -31.79 -15.28
CA ASP A 412 -15.55 -31.85 -14.43
C ASP A 412 -15.50 -33.10 -13.58
N GLN A 413 -16.00 -34.22 -14.10
CA GLN A 413 -15.91 -35.47 -13.37
C GLN A 413 -14.46 -35.82 -13.06
N GLY A 414 -13.67 -36.06 -14.11
CA GLY A 414 -12.29 -36.46 -13.89
C GLY A 414 -11.54 -35.49 -13.01
N LYS A 415 -11.57 -34.20 -13.35
CA LYS A 415 -10.85 -33.21 -12.56
C LYS A 415 -11.23 -33.31 -11.10
N ALA A 416 -12.50 -33.63 -10.81
CA ALA A 416 -12.88 -33.83 -9.43
C ALA A 416 -12.33 -35.13 -8.89
N THR A 417 -12.60 -36.25 -9.55
CA THR A 417 -12.17 -37.53 -9.02
C THR A 417 -10.66 -37.56 -8.83
N ASP A 418 -9.90 -37.20 -9.86
CA ASP A 418 -8.45 -37.14 -9.72
C ASP A 418 -8.05 -36.33 -8.50
N PHE A 419 -8.72 -35.20 -8.27
CA PHE A 419 -8.37 -34.39 -7.12
C PHE A 419 -8.64 -35.15 -5.82
N VAL A 420 -9.79 -35.81 -5.72
CA VAL A 420 -10.16 -36.45 -4.46
C VAL A 420 -9.08 -37.46 -4.07
N ASN A 421 -8.67 -38.31 -5.00
CA ASN A 421 -7.63 -39.28 -4.69
C ASN A 421 -6.42 -38.61 -4.07
N MET A 422 -6.04 -37.44 -4.57
CA MET A 422 -4.84 -36.78 -4.05
C MET A 422 -5.01 -36.44 -2.59
N LEU A 423 -6.20 -36.00 -2.18
CA LEU A 423 -6.40 -35.72 -0.76
C LEU A 423 -6.14 -36.96 0.08
N SER A 424 -6.42 -38.14 -0.46
CA SER A 424 -6.16 -39.37 0.28
C SER A 424 -4.68 -39.74 0.29
N LYS A 425 -3.88 -39.20 -0.63
CA LYS A 425 -2.45 -39.45 -0.65
C LYS A 425 -1.65 -38.39 0.08
N VAL A 426 -2.27 -37.28 0.47
CA VAL A 426 -1.57 -36.21 1.17
C VAL A 426 -2.15 -35.88 2.52
N CYS A 427 -3.32 -36.40 2.87
CA CYS A 427 -3.85 -36.21 4.22
C CYS A 427 -3.24 -37.19 5.21
N PRO A 428 -3.11 -38.48 4.87
CA PRO A 428 -2.61 -39.45 5.85
C PRO A 428 -1.24 -39.06 6.37
N PRO A 429 -0.35 -38.52 5.52
CA PRO A 429 0.93 -38.05 6.05
C PRO A 429 0.81 -37.01 7.15
N ILE A 430 -0.15 -36.10 7.05
CA ILE A 430 -0.22 -34.95 7.93
C ILE A 430 -1.19 -35.18 9.10
N GLY A 431 -1.75 -36.38 9.23
CA GLY A 431 -2.60 -36.71 10.34
C GLY A 431 -4.08 -36.74 10.04
N MET A 432 -4.54 -36.05 8.98
CA MET A 432 -5.93 -36.12 8.60
C MET A 432 -6.27 -37.50 8.07
N GLU A 433 -7.38 -38.05 8.53
CA GLU A 433 -7.96 -39.26 7.97
C GLU A 433 -9.10 -38.88 7.07
N VAL A 434 -9.06 -39.32 5.82
CA VAL A 434 -10.07 -39.01 4.83
C VAL A 434 -10.73 -40.30 4.37
N HIS A 435 -12.05 -40.31 4.35
CA HIS A 435 -12.83 -41.43 3.86
C HIS A 435 -13.48 -41.02 2.54
N GLU A 436 -14.03 -41.99 1.85
CA GLU A 436 -14.58 -41.75 0.52
C GLU A 436 -15.67 -40.69 0.61
N PRO A 437 -15.64 -39.67 -0.25
CA PRO A 437 -16.71 -38.66 -0.21
C PRO A 437 -18.01 -39.18 -0.78
N LYS A 438 -19.00 -38.31 -0.91
CA LYS A 438 -20.26 -38.61 -1.57
C LYS A 438 -20.35 -37.70 -2.78
N MET A 439 -19.78 -38.13 -3.90
CA MET A 439 -19.76 -37.29 -5.08
C MET A 439 -21.18 -37.01 -5.57
N VAL A 440 -21.38 -35.79 -6.05
CA VAL A 440 -22.68 -35.33 -6.52
C VAL A 440 -22.49 -34.69 -7.89
N GLU A 441 -23.43 -34.92 -8.79
CA GLU A 441 -23.34 -34.43 -10.16
C GLU A 441 -24.47 -33.43 -10.39
N VAL A 442 -24.18 -32.15 -10.20
CA VAL A 442 -25.17 -31.12 -10.44
C VAL A 442 -25.62 -31.18 -11.89
N VAL A 443 -26.89 -30.86 -12.13
CA VAL A 443 -27.45 -30.96 -13.46
C VAL A 443 -26.67 -30.08 -14.44
N ASN A 444 -26.63 -28.77 -14.18
CA ASN A 444 -25.94 -27.84 -15.04
C ASN A 444 -25.37 -26.71 -14.20
N ASP A 445 -24.40 -26.00 -14.76
CA ASP A 445 -23.62 -25.03 -13.99
C ASP A 445 -24.43 -23.86 -13.48
N ARG A 446 -25.65 -23.67 -13.97
CA ARG A 446 -26.42 -22.50 -13.56
C ARG A 446 -26.64 -22.51 -12.05
N THR A 447 -26.51 -21.32 -11.44
CA THR A 447 -26.52 -21.22 -9.98
C THR A 447 -27.72 -21.92 -9.39
N GLU A 448 -28.88 -21.82 -10.04
CA GLU A 448 -30.09 -22.46 -9.55
C GLU A 448 -29.86 -23.94 -9.24
N SER A 449 -29.19 -24.65 -10.14
CA SER A 449 -28.96 -26.06 -9.94
C SER A 449 -28.06 -26.33 -8.75
N TYR A 450 -26.97 -25.56 -8.62
CA TYR A 450 -26.09 -25.73 -7.46
C TYR A 450 -26.86 -25.51 -6.17
N LEU A 451 -27.69 -24.47 -6.13
CA LEU A 451 -28.41 -24.17 -4.91
C LEU A 451 -29.38 -25.30 -4.55
N ARG A 452 -30.10 -25.84 -5.54
CA ARG A 452 -30.99 -26.94 -5.22
C ARG A 452 -30.21 -28.16 -4.73
N ALA A 453 -29.08 -28.46 -5.37
CA ALA A 453 -28.29 -29.60 -4.92
C ALA A 453 -27.84 -29.41 -3.47
N LEU A 454 -27.33 -28.23 -3.14
CA LEU A 454 -26.90 -27.99 -1.77
C LEU A 454 -28.07 -28.11 -0.80
N ARG A 455 -29.23 -27.55 -1.16
CA ARG A 455 -30.38 -27.63 -0.27
C ARG A 455 -30.76 -29.08 0.00
N GLU A 456 -30.82 -29.89 -1.06
CA GLU A 456 -31.20 -31.29 -0.88
C GLU A 456 -30.10 -32.11 -0.23
N LEU A 457 -28.87 -31.59 -0.15
CA LEU A 457 -27.75 -32.38 0.34
C LEU A 457 -27.35 -32.09 1.78
N ILE A 458 -27.46 -30.84 2.25
CA ILE A 458 -27.02 -30.52 3.60
C ILE A 458 -27.79 -31.38 4.60
N ALA A 459 -27.16 -31.63 5.74
CA ALA A 459 -27.78 -32.44 6.79
C ALA A 459 -26.91 -32.37 8.04
N PRO A 460 -27.39 -32.84 9.18
CA PRO A 460 -26.54 -32.88 10.38
C PRO A 460 -25.35 -33.79 10.26
N ARG A 461 -25.35 -34.71 9.29
CA ARG A 461 -24.28 -35.71 9.22
C ARG A 461 -23.11 -35.27 8.37
N LEU A 462 -23.20 -34.17 7.63
CA LEU A 462 -22.10 -33.70 6.82
C LEU A 462 -21.15 -32.83 7.62
N GLN A 463 -19.85 -33.02 7.35
CA GLN A 463 -18.80 -32.19 7.93
C GLN A 463 -18.37 -31.07 7.02
N MET A 464 -18.26 -31.33 5.72
CA MET A 464 -17.82 -30.29 4.80
C MET A 464 -18.33 -30.61 3.41
N VAL A 465 -18.52 -29.55 2.62
CA VAL A 465 -19.00 -29.64 1.25
C VAL A 465 -17.96 -29.00 0.35
N VAL A 466 -17.62 -29.68 -0.74
CA VAL A 466 -16.64 -29.17 -1.71
C VAL A 466 -17.37 -28.91 -3.01
N ILE A 467 -17.32 -27.67 -3.48
CA ILE A 467 -17.98 -27.26 -4.71
C ILE A 467 -16.90 -26.93 -5.74
N VAL A 468 -17.01 -27.53 -6.91
CA VAL A 468 -16.05 -27.30 -7.99
C VAL A 468 -16.76 -26.53 -9.10
N PHE A 469 -16.31 -25.29 -9.35
CA PHE A 469 -16.95 -24.46 -10.35
C PHE A 469 -16.25 -24.59 -11.69
N PRO A 470 -16.99 -24.59 -12.81
CA PRO A 470 -16.34 -24.54 -14.11
C PRO A 470 -15.52 -23.29 -14.34
N THR A 471 -15.82 -22.20 -13.64
CA THR A 471 -15.06 -20.97 -13.78
C THR A 471 -15.54 -20.01 -12.71
N SER A 472 -14.87 -18.87 -12.62
CA SER A 472 -15.15 -17.88 -11.58
C SER A 472 -16.28 -16.97 -12.03
N ARG A 473 -17.45 -17.12 -11.40
CA ARG A 473 -18.56 -16.20 -11.56
C ARG A 473 -18.93 -15.68 -10.19
N ASP A 474 -18.70 -14.40 -9.94
CA ASP A 474 -18.87 -13.86 -8.60
C ASP A 474 -20.27 -14.14 -8.07
N ASP A 475 -21.30 -14.00 -8.91
CA ASP A 475 -22.66 -14.21 -8.44
C ASP A 475 -22.86 -15.64 -7.96
N ARG A 476 -22.36 -16.63 -8.71
CA ARG A 476 -22.53 -18.01 -8.30
C ARG A 476 -21.86 -18.26 -6.96
N TYR A 477 -20.62 -17.78 -6.80
CA TYR A 477 -19.89 -18.03 -5.56
C TYR A 477 -20.60 -17.37 -4.39
N SER A 478 -21.09 -16.16 -4.58
CA SER A 478 -21.84 -15.52 -3.50
C SER A 478 -23.11 -16.28 -3.18
N ALA A 479 -23.83 -16.77 -4.19
CA ALA A 479 -25.03 -17.54 -3.92
C ALA A 479 -24.72 -18.79 -3.12
N VAL A 480 -23.66 -19.50 -3.47
CA VAL A 480 -23.32 -20.73 -2.76
C VAL A 480 -22.88 -20.42 -1.34
N LYS A 481 -22.11 -19.34 -1.17
CA LYS A 481 -21.59 -19.05 0.16
C LYS A 481 -22.66 -18.51 1.10
N LYS A 482 -23.65 -17.76 0.59
CA LYS A 482 -24.78 -17.41 1.44
C LYS A 482 -25.42 -18.66 2.03
N LEU A 483 -25.62 -19.66 1.18
CA LEU A 483 -26.34 -20.85 1.60
C LEU A 483 -25.51 -21.71 2.54
N CYS A 484 -24.20 -21.81 2.29
CA CYS A 484 -23.34 -22.60 3.14
C CYS A 484 -22.90 -21.88 4.41
N CYS A 485 -23.16 -20.58 4.52
CA CYS A 485 -22.73 -19.83 5.71
C CYS A 485 -23.86 -19.14 6.46
N ILE A 486 -25.05 -18.99 5.88
CA ILE A 486 -26.12 -18.26 6.52
C ILE A 486 -27.34 -19.15 6.71
N GLU A 487 -27.93 -19.60 5.60
CA GLU A 487 -29.15 -20.37 5.67
C GLU A 487 -28.88 -21.76 6.24
N SER A 488 -28.06 -22.54 5.56
CA SER A 488 -27.68 -23.87 6.03
C SER A 488 -26.20 -23.86 6.39
N PRO A 489 -25.84 -23.71 7.66
CA PRO A 489 -24.43 -23.52 7.99
C PRO A 489 -23.61 -24.80 7.95
N ILE A 490 -22.72 -24.89 6.96
CA ILE A 490 -21.77 -25.99 6.83
C ILE A 490 -20.47 -25.42 6.30
N PRO A 491 -19.32 -25.71 6.91
CA PRO A 491 -18.07 -25.15 6.38
C PRO A 491 -17.83 -25.59 4.96
N SER A 492 -17.71 -24.64 4.04
CA SER A 492 -17.60 -24.97 2.63
C SER A 492 -16.16 -24.88 2.16
N GLN A 493 -15.92 -25.42 0.97
CA GLN A 493 -14.65 -25.23 0.29
C GLN A 493 -14.88 -25.26 -1.22
N VAL A 494 -14.67 -24.12 -1.85
CA VAL A 494 -14.82 -23.99 -3.28
C VAL A 494 -13.43 -24.11 -3.89
N LEU A 495 -13.37 -24.63 -5.11
CA LEU A 495 -12.12 -24.59 -5.86
C LEU A 495 -12.45 -24.70 -7.34
N ILE A 496 -11.90 -23.78 -8.12
CA ILE A 496 -12.29 -23.64 -9.51
C ILE A 496 -11.73 -24.81 -10.32
N ALA A 497 -12.35 -25.04 -11.47
CA ALA A 497 -12.00 -26.17 -12.33
C ALA A 497 -10.82 -25.86 -13.24
N ARG A 498 -9.99 -24.90 -12.87
CA ARG A 498 -8.73 -24.65 -13.55
C ARG A 498 -7.51 -24.98 -12.71
N THR A 499 -7.56 -24.78 -11.39
CA THR A 499 -6.39 -25.06 -10.57
C THR A 499 -6.11 -26.56 -10.52
N ILE A 500 -7.14 -27.39 -10.73
CA ILE A 500 -7.01 -28.81 -10.51
C ILE A 500 -6.85 -29.55 -11.83
N THR A 501 -6.36 -28.86 -12.87
CA THR A 501 -6.17 -29.46 -14.18
C THR A 501 -4.71 -29.50 -14.62
N GLN A 502 -3.77 -29.28 -13.70
CA GLN A 502 -2.36 -29.14 -14.06
C GLN A 502 -1.51 -30.04 -13.15
N GLN A 503 -1.31 -31.27 -13.59
CA GLN A 503 -0.40 -32.16 -12.88
C GLN A 503 1.01 -31.57 -12.85
N GLN A 504 1.85 -32.17 -12.03
CA GLN A 504 3.18 -31.69 -11.64
C GLN A 504 3.08 -30.43 -10.79
N LYS A 505 1.88 -29.89 -10.59
CA LYS A 505 1.65 -28.86 -9.60
C LYS A 505 0.39 -29.13 -8.78
N LEU A 506 -0.45 -30.07 -9.21
CA LEU A 506 -1.64 -30.42 -8.46
C LEU A 506 -1.33 -31.04 -7.11
N ARG A 507 -0.16 -31.66 -6.96
CA ARG A 507 0.18 -32.24 -5.67
C ARG A 507 0.17 -31.19 -4.57
N SER A 508 0.84 -30.06 -4.81
CA SER A 508 0.86 -29.02 -3.80
C SER A 508 -0.50 -28.33 -3.68
N VAL A 509 -1.28 -28.29 -4.76
CA VAL A 509 -2.62 -27.74 -4.65
C VAL A 509 -3.47 -28.58 -3.70
N ALA A 510 -3.39 -29.90 -3.85
CA ALA A 510 -4.08 -30.77 -2.91
C ALA A 510 -3.56 -30.58 -1.50
N GLN A 511 -2.25 -30.45 -1.35
CA GLN A 511 -1.66 -30.27 -0.03
C GLN A 511 -2.05 -28.95 0.63
N LYS A 512 -2.33 -27.92 -0.16
CA LYS A 512 -2.82 -26.66 0.40
C LYS A 512 -4.31 -26.71 0.70
N VAL A 513 -5.09 -27.33 -0.18
CA VAL A 513 -6.52 -27.45 0.08
C VAL A 513 -6.77 -28.31 1.30
N ALA A 514 -5.94 -29.33 1.51
CA ALA A 514 -6.11 -30.16 2.70
C ALA A 514 -5.91 -29.36 3.98
N LEU A 515 -4.86 -28.55 4.05
CA LEU A 515 -4.67 -27.73 5.24
C LEU A 515 -5.78 -26.69 5.37
N GLN A 516 -6.21 -26.08 4.28
CA GLN A 516 -7.32 -25.14 4.39
C GLN A 516 -8.58 -25.81 4.90
N MET A 517 -8.94 -26.97 4.36
CA MET A 517 -10.12 -27.70 4.81
C MET A 517 -9.99 -28.08 6.27
N ASN A 518 -8.82 -28.57 6.68
CA ASN A 518 -8.64 -28.86 8.10
C ASN A 518 -8.72 -27.61 8.95
N ALA A 519 -8.43 -26.44 8.37
CA ALA A 519 -8.61 -25.20 9.11
C ALA A 519 -10.09 -24.92 9.33
N LYS A 520 -10.92 -25.12 8.30
CA LYS A 520 -12.34 -24.91 8.45
C LYS A 520 -13.03 -26.09 9.09
N LEU A 521 -12.44 -26.65 10.13
CA LEU A 521 -13.14 -27.67 10.91
C LEU A 521 -12.77 -27.61 12.38
N GLY A 522 -11.96 -26.65 12.81
CA GLY A 522 -11.58 -26.57 14.20
C GLY A 522 -10.38 -27.41 14.57
N GLY A 523 -9.61 -27.90 13.62
CA GLY A 523 -8.38 -28.59 13.93
C GLY A 523 -7.17 -27.76 13.62
N GLU A 524 -6.52 -27.20 14.63
CA GLU A 524 -5.38 -26.34 14.39
C GLU A 524 -4.22 -27.11 13.78
N LEU A 525 -3.41 -26.41 12.99
CA LEU A 525 -2.40 -27.06 12.16
C LEU A 525 -1.03 -27.08 12.83
N TRP A 526 -0.47 -25.91 13.11
CA TRP A 526 0.82 -25.82 13.79
C TRP A 526 0.72 -24.74 14.85
N ALA A 527 1.78 -24.61 15.63
CA ALA A 527 1.81 -23.63 16.71
C ALA A 527 3.21 -23.04 16.80
N VAL A 528 3.40 -22.17 17.78
CA VAL A 528 4.70 -21.54 18.02
C VAL A 528 4.80 -21.24 19.50
N GLU A 529 6.00 -21.36 20.05
CA GLU A 529 6.22 -21.08 21.46
C GLU A 529 5.76 -19.66 21.77
N ILE A 530 5.06 -19.50 22.89
CA ILE A 530 4.58 -18.20 23.33
C ILE A 530 4.92 -18.03 24.80
N PRO A 531 5.77 -17.07 25.18
CA PRO A 531 6.05 -16.85 26.60
C PRO A 531 5.05 -15.94 27.29
N LEU A 532 4.20 -15.25 26.55
CA LEU A 532 3.18 -14.40 27.13
C LEU A 532 1.97 -15.26 27.49
N LYS A 533 1.79 -15.51 28.78
CA LYS A 533 0.65 -16.29 29.23
C LYS A 533 -0.55 -15.38 29.40
N SER A 534 -1.74 -15.93 29.18
CA SER A 534 -2.99 -15.19 29.33
C SER A 534 -2.89 -13.81 28.69
N CYS A 535 -2.65 -13.82 27.39
CA CYS A 535 -2.57 -12.60 26.60
C CYS A 535 -3.40 -12.79 25.34
N MET A 536 -4.69 -12.49 25.42
CA MET A 536 -5.55 -12.64 24.26
C MET A 536 -5.07 -11.73 23.15
N VAL A 537 -5.59 -11.96 21.94
CA VAL A 537 -5.20 -11.21 20.76
C VAL A 537 -6.44 -10.97 19.92
N VAL A 538 -6.50 -9.84 19.24
CA VAL A 538 -7.68 -9.45 18.48
C VAL A 538 -7.25 -8.75 17.20
N GLY A 539 -8.03 -8.98 16.14
CA GLY A 539 -7.75 -8.37 14.86
C GLY A 539 -9.00 -7.85 14.21
N ILE A 540 -9.01 -6.59 13.81
CA ILE A 540 -10.22 -5.93 13.33
C ILE A 540 -9.96 -5.34 11.96
N ASP A 541 -10.96 -5.39 11.10
CA ASP A 541 -10.90 -4.76 9.79
C ASP A 541 -12.30 -4.34 9.40
N VAL A 542 -12.37 -3.31 8.56
CA VAL A 542 -13.63 -2.75 8.11
C VAL A 542 -13.63 -2.78 6.59
N TYR A 543 -14.70 -3.30 6.02
CA TYR A 543 -14.72 -3.53 4.58
C TYR A 543 -14.50 -2.21 3.86
N HIS A 544 -13.41 -2.14 3.10
CA HIS A 544 -12.99 -0.89 2.46
C HIS A 544 -13.69 -0.79 1.10
N ASP A 545 -14.89 -0.22 1.11
CA ASP A 545 -15.62 -0.06 -0.14
C ASP A 545 -16.87 0.78 0.11
N LYS A 546 -17.60 1.03 -0.96
CA LYS A 546 -18.90 1.70 -0.94
C LYS A 546 -19.88 0.96 -1.84
N SER A 547 -19.94 -0.36 -1.68
CA SER A 547 -20.70 -1.21 -2.61
C SER A 547 -22.17 -1.34 -2.21
N TYR A 548 -22.42 -1.87 -1.02
CA TYR A 548 -23.78 -2.27 -0.62
C TYR A 548 -24.35 -1.19 0.30
N GLY A 549 -24.92 -0.16 -0.31
CA GLY A 549 -25.62 0.85 0.45
C GLY A 549 -24.75 1.58 1.44
N ASN A 550 -23.43 1.47 1.29
CA ASN A 550 -22.50 2.09 2.22
C ASN A 550 -22.77 1.59 3.64
N LYS A 551 -22.83 0.28 3.81
CA LYS A 551 -23.29 -0.31 5.06
C LYS A 551 -22.18 -0.54 6.08
N SER A 552 -20.92 -0.32 5.72
CA SER A 552 -19.83 -0.31 6.68
C SER A 552 -19.73 -1.65 7.43
N ILE A 553 -19.37 -2.69 6.68
CA ILE A 553 -19.15 -4.01 7.25
C ILE A 553 -17.99 -3.91 8.24
N ALA A 554 -17.87 -4.90 9.12
CA ALA A 554 -16.78 -4.97 10.08
C ALA A 554 -16.13 -6.34 9.96
N GLY A 555 -15.29 -6.66 10.93
CA GLY A 555 -14.66 -7.96 10.98
C GLY A 555 -13.93 -8.13 12.28
N PHE A 556 -14.03 -9.33 12.85
CA PHE A 556 -13.51 -9.54 14.19
C PHE A 556 -13.00 -10.96 14.31
N VAL A 557 -11.91 -11.14 15.06
CA VAL A 557 -11.29 -12.43 15.26
C VAL A 557 -10.43 -12.32 16.50
N ALA A 558 -10.48 -13.35 17.35
CA ALA A 558 -9.82 -13.26 18.64
C ALA A 558 -9.44 -14.63 19.13
N SER A 559 -8.16 -14.82 19.45
CA SER A 559 -7.70 -16.12 19.90
C SER A 559 -8.52 -16.60 21.09
N THR A 560 -8.44 -17.91 21.36
CA THR A 560 -9.18 -18.49 22.47
C THR A 560 -8.35 -19.52 23.22
N ASN A 561 -7.05 -19.57 23.01
CA ASN A 561 -6.18 -20.45 23.76
C ASN A 561 -4.79 -19.83 23.81
N PRO A 562 -4.00 -20.14 24.83
CA PRO A 562 -2.76 -19.39 25.04
C PRO A 562 -1.81 -19.45 23.87
N SER A 563 -1.90 -20.46 23.01
CA SER A 563 -0.96 -20.59 21.90
C SER A 563 -1.51 -20.10 20.57
N PHE A 564 -2.58 -19.31 20.58
CA PHE A 564 -3.10 -18.68 19.37
C PHE A 564 -3.35 -19.71 18.27
N THR A 565 -3.93 -20.85 18.63
CA THR A 565 -4.24 -21.89 17.66
C THR A 565 -5.70 -21.88 17.23
N ARG A 566 -6.62 -21.48 18.10
CA ARG A 566 -8.03 -21.40 17.79
C ARG A 566 -8.48 -19.94 17.80
N TRP A 567 -9.57 -19.67 17.09
CA TRP A 567 -10.03 -18.31 16.91
C TRP A 567 -11.55 -18.25 17.09
N TYR A 568 -12.10 -17.05 16.94
CA TYR A 568 -13.52 -16.83 17.19
C TYR A 568 -13.95 -15.64 16.32
N SER A 569 -14.59 -15.93 15.21
CA SER A 569 -14.85 -14.94 14.18
C SER A 569 -16.28 -14.43 14.23
N ARG A 570 -16.42 -13.11 14.31
CA ARG A 570 -17.74 -12.49 14.35
C ARG A 570 -17.71 -11.24 13.49
N THR A 571 -18.90 -10.75 13.14
CA THR A 571 -19.04 -9.63 12.22
C THR A 571 -20.04 -8.64 12.79
N ALA A 572 -20.01 -7.43 12.25
CA ALA A 572 -20.99 -6.41 12.59
C ALA A 572 -21.12 -5.44 11.42
N MET A 573 -22.34 -5.27 10.91
CA MET A 573 -22.56 -4.45 9.72
C MET A 573 -23.77 -3.54 9.96
N GLN A 574 -23.49 -2.24 10.06
CA GLN A 574 -24.49 -1.22 10.33
C GLN A 574 -24.09 0.06 9.61
N GLU A 575 -25.07 0.89 9.29
CA GLU A 575 -24.82 2.13 8.55
C GLU A 575 -24.60 3.28 9.53
N GLN A 576 -23.67 3.07 10.46
CA GLN A 576 -23.29 4.08 11.42
C GLN A 576 -21.83 3.88 11.79
N SER A 577 -21.18 4.96 12.22
CA SER A 577 -19.80 4.91 12.62
C SER A 577 -19.62 4.93 14.13
N GLN A 578 -20.71 4.94 14.90
CA GLN A 578 -20.65 4.80 16.35
C GLN A 578 -21.32 3.52 16.83
N GLU A 579 -22.60 3.32 16.48
CA GLU A 579 -23.25 2.09 16.87
C GLU A 579 -22.54 0.87 16.30
N LEU A 580 -21.85 1.02 15.17
CA LEU A 580 -20.94 -0.03 14.72
C LEU A 580 -19.88 -0.31 15.76
N ILE A 581 -19.33 0.75 16.36
CA ILE A 581 -18.41 0.55 17.46
C ILE A 581 -19.11 -0.18 18.60
N HIS A 582 -20.41 0.06 18.76
CA HIS A 582 -21.14 -0.68 19.79
C HIS A 582 -21.20 -2.17 19.48
N GLU A 583 -21.46 -2.55 18.22
CA GLU A 583 -21.39 -4.00 17.95
C GLU A 583 -19.97 -4.53 18.07
N LEU A 584 -18.94 -3.72 17.81
CA LEU A 584 -17.59 -4.22 18.08
C LEU A 584 -17.40 -4.46 19.57
N LYS A 585 -17.93 -3.57 20.40
CA LYS A 585 -17.94 -3.83 21.84
C LYS A 585 -18.59 -5.18 22.14
N LEU A 586 -19.79 -5.41 21.61
CA LEU A 586 -20.46 -6.66 21.91
C LEU A 586 -19.66 -7.84 21.37
N CYS A 587 -19.08 -7.71 20.19
CA CYS A 587 -18.28 -8.78 19.63
C CYS A 587 -17.12 -9.12 20.55
N MET A 588 -16.39 -8.12 21.03
CA MET A 588 -15.20 -8.45 21.81
C MET A 588 -15.59 -8.95 23.19
N GLN A 589 -16.72 -8.48 23.73
CA GLN A 589 -17.22 -9.08 24.96
C GLN A 589 -17.53 -10.56 24.76
N ALA A 590 -18.16 -10.88 23.64
CA ALA A 590 -18.46 -12.29 23.36
C ALA A 590 -17.17 -13.09 23.24
N ALA A 591 -16.18 -12.52 22.55
CA ALA A 591 -14.91 -13.24 22.38
C ALA A 591 -14.21 -13.45 23.72
N LEU A 592 -14.20 -12.45 24.58
CA LEU A 592 -13.59 -12.60 25.88
C LEU A 592 -14.35 -13.61 26.73
N LYS A 593 -15.66 -13.74 26.51
CA LYS A 593 -16.41 -14.79 27.20
C LYS A 593 -15.99 -16.16 26.69
N LYS A 594 -15.95 -16.33 25.37
CA LYS A 594 -15.48 -17.59 24.80
C LYS A 594 -14.09 -17.94 25.30
N TYR A 595 -13.26 -16.94 25.58
CA TYR A 595 -11.96 -17.22 26.20
C TYR A 595 -12.15 -17.96 27.51
N ASN A 596 -13.02 -17.45 28.38
CA ASN A 596 -13.22 -18.10 29.67
C ASN A 596 -13.82 -19.49 29.50
N GLU A 597 -14.73 -19.64 28.55
CA GLU A 597 -15.39 -20.94 28.39
C GLU A 597 -14.45 -22.04 27.93
N MET A 598 -13.23 -21.70 27.51
CA MET A 598 -12.27 -22.71 27.08
C MET A 598 -10.94 -22.64 27.80
N ASN A 599 -10.77 -21.77 28.80
CA ASN A 599 -9.51 -21.70 29.52
C ASN A 599 -9.66 -21.60 31.03
N GLN A 600 -10.88 -21.48 31.56
CA GLN A 600 -11.09 -21.44 33.00
C GLN A 600 -10.40 -20.25 33.66
N SER A 601 -10.30 -19.14 32.92
CA SER A 601 -9.74 -17.90 33.45
C SER A 601 -10.08 -16.80 32.46
N LEU A 602 -9.49 -15.63 32.64
CA LEU A 602 -9.68 -14.50 31.76
C LEU A 602 -8.32 -13.94 31.37
N PRO A 603 -8.24 -13.32 30.19
CA PRO A 603 -6.94 -12.85 29.71
C PRO A 603 -6.44 -11.66 30.51
N GLU A 604 -5.25 -11.77 31.06
CA GLU A 604 -4.65 -10.65 31.76
C GLU A 604 -4.35 -9.49 30.83
N ARG A 605 -4.18 -9.76 29.54
CA ARG A 605 -3.82 -8.73 28.57
C ARG A 605 -4.64 -8.92 27.30
N ILE A 606 -5.00 -7.81 26.67
CA ILE A 606 -5.70 -7.81 25.39
C ILE A 606 -4.91 -6.93 24.44
N ILE A 607 -4.60 -7.46 23.26
CA ILE A 607 -3.84 -6.72 22.26
C ILE A 607 -4.64 -6.70 20.98
N VAL A 608 -5.06 -5.51 20.57
CA VAL A 608 -5.92 -5.32 19.39
C VAL A 608 -5.05 -4.88 18.24
N PHE A 609 -5.24 -5.53 17.09
CA PHE A 609 -4.45 -5.25 15.89
C PHE A 609 -5.36 -4.65 14.83
N ARG A 610 -5.52 -3.32 14.86
CA ARG A 610 -6.24 -2.65 13.81
C ARG A 610 -5.53 -2.87 12.48
N ASP A 611 -6.12 -2.34 11.42
CA ASP A 611 -5.50 -2.49 10.12
C ASP A 611 -5.97 -1.38 9.20
N GLY A 612 -5.14 -1.08 8.21
CA GLY A 612 -5.53 -0.22 7.12
C GLY A 612 -5.83 1.21 7.46
N VAL A 613 -5.88 1.58 8.75
CA VAL A 613 -6.16 2.96 9.09
C VAL A 613 -5.01 3.81 8.57
N GLY A 614 -5.30 4.63 7.56
CA GLY A 614 -4.26 5.40 6.90
C GLY A 614 -3.74 6.53 7.76
N GLU A 615 -3.23 7.59 7.13
CA GLU A 615 -2.82 8.79 7.83
C GLU A 615 -3.93 9.84 7.90
N GLY A 616 -5.18 9.40 7.84
CA GLY A 616 -6.30 10.32 7.74
C GLY A 616 -7.05 10.55 9.04
N ARG A 617 -7.27 9.49 9.81
CA ARG A 617 -8.13 9.57 11.00
C ARG A 617 -7.54 8.77 12.16
N GLU A 618 -6.21 8.69 12.25
CA GLU A 618 -5.62 7.94 13.35
C GLU A 618 -5.93 8.54 14.71
N GLU A 619 -6.39 9.79 14.77
CA GLU A 619 -6.79 10.39 16.02
C GLU A 619 -8.11 9.84 16.55
N TYR A 620 -9.02 9.42 15.66
CA TYR A 620 -10.32 8.95 16.11
C TYR A 620 -10.21 7.69 16.96
N VAL A 621 -9.28 6.79 16.61
CA VAL A 621 -9.19 5.52 17.32
C VAL A 621 -8.88 5.76 18.80
N SER A 622 -7.70 6.32 19.08
CA SER A 622 -7.27 6.47 20.47
C SER A 622 -8.21 7.33 21.28
N GLU A 623 -9.04 8.16 20.63
CA GLU A 623 -9.89 9.10 21.36
C GLU A 623 -11.32 8.60 21.56
N PHE A 624 -11.81 7.69 20.71
CA PHE A 624 -13.16 7.17 20.90
C PHE A 624 -13.19 5.66 21.08
N GLU A 625 -12.46 4.93 20.23
CA GLU A 625 -12.52 3.47 20.27
C GLU A 625 -11.98 2.94 21.58
N VAL A 626 -10.74 3.30 21.89
CA VAL A 626 -10.12 2.83 23.15
C VAL A 626 -10.99 3.15 24.36
N PRO A 627 -11.50 4.38 24.54
CA PRO A 627 -12.45 4.59 25.64
C PRO A 627 -13.61 3.62 25.62
N GLN A 628 -14.20 3.42 24.44
CA GLN A 628 -15.28 2.44 24.34
C GLN A 628 -14.82 1.08 24.85
N PHE A 629 -13.67 0.61 24.39
CA PHE A 629 -13.18 -0.68 24.82
C PHE A 629 -13.06 -0.73 26.33
N ASN A 630 -12.17 0.09 26.90
CA ASN A 630 -11.92 0.00 28.33
C ASN A 630 -13.17 0.28 29.15
N SER A 631 -14.24 0.81 28.56
CA SER A 631 -15.45 1.06 29.32
C SER A 631 -16.00 -0.22 29.94
N CYS A 632 -16.38 -1.19 29.10
CA CYS A 632 -17.30 -2.25 29.51
C CYS A 632 -16.61 -3.56 29.88
N PHE A 633 -15.34 -3.55 30.28
CA PHE A 633 -14.67 -4.79 30.64
C PHE A 633 -14.87 -5.18 32.10
N SER A 634 -15.06 -4.21 33.00
CA SER A 634 -15.25 -4.54 34.40
C SER A 634 -16.57 -5.27 34.65
N ILE A 635 -17.46 -5.32 33.66
CA ILE A 635 -18.79 -5.90 33.87
C ILE A 635 -18.71 -7.36 34.27
N PHE A 636 -17.76 -8.10 33.70
CA PHE A 636 -17.70 -9.55 33.88
C PHE A 636 -16.90 -9.97 35.10
N GLY A 637 -16.34 -9.02 35.85
CA GLY A 637 -15.52 -9.41 36.99
C GLY A 637 -15.36 -8.28 37.98
N GLU A 638 -14.56 -8.56 39.02
CA GLU A 638 -14.28 -7.60 40.08
C GLU A 638 -13.33 -6.54 39.53
N ASN A 639 -13.89 -5.41 39.11
CA ASN A 639 -13.11 -4.33 38.54
C ASN A 639 -12.18 -4.87 37.45
N TYR A 640 -12.73 -5.74 36.62
CA TYR A 640 -11.93 -6.40 35.59
C TYR A 640 -11.55 -5.36 34.54
N CYS A 641 -10.34 -4.84 34.66
CA CYS A 641 -9.83 -3.84 33.72
C CYS A 641 -8.67 -4.44 32.95
N PRO A 642 -8.94 -5.31 31.97
CA PRO A 642 -7.84 -5.95 31.26
C PRO A 642 -7.02 -4.92 30.52
N LYS A 643 -5.71 -5.16 30.49
CA LYS A 643 -4.77 -4.17 30.01
C LYS A 643 -4.76 -4.20 28.48
N LEU A 644 -5.32 -3.18 27.87
CA LEU A 644 -5.48 -3.09 26.43
C LEU A 644 -4.23 -2.49 25.80
N ALA A 645 -4.03 -2.79 24.52
CA ALA A 645 -2.95 -2.17 23.75
C ALA A 645 -3.27 -2.31 22.28
N VAL A 646 -3.60 -1.23 21.63
CA VAL A 646 -3.97 -1.24 20.22
C VAL A 646 -2.69 -1.20 19.39
N VAL A 647 -2.81 -1.52 18.11
CA VAL A 647 -1.70 -1.44 17.17
C VAL A 647 -2.26 -1.25 15.78
N VAL A 648 -1.74 -0.29 15.04
CA VAL A 648 -2.16 -0.03 13.67
C VAL A 648 -1.10 -0.56 12.73
N VAL A 649 -1.53 -1.27 11.70
CA VAL A 649 -0.64 -2.07 10.88
C VAL A 649 -0.76 -1.63 9.44
N GLN A 650 0.33 -1.09 8.89
CA GLN A 650 0.35 -0.64 7.50
C GLN A 650 1.28 -1.50 6.68
N LYS A 651 0.80 -1.95 5.53
CA LYS A 651 1.57 -2.78 4.62
C LYS A 651 2.27 -1.97 3.54
N ARG A 652 1.56 -1.04 2.92
CA ARG A 652 2.16 -0.21 1.87
C ARG A 652 2.77 1.04 2.48
N ILE A 653 4.04 1.27 2.18
CA ILE A 653 4.76 2.43 2.68
C ILE A 653 5.94 2.68 1.75
N THR A 654 6.44 3.92 1.74
CA THR A 654 7.56 4.26 0.87
C THR A 654 8.88 3.81 1.45
N THR A 655 8.94 3.56 2.76
CA THR A 655 10.20 3.20 3.38
C THR A 655 10.70 1.86 2.85
N ARG A 656 12.02 1.68 2.89
CA ARG A 656 12.62 0.42 2.50
C ARG A 656 13.92 0.23 3.28
N ILE A 657 13.97 -0.83 4.07
CA ILE A 657 15.18 -1.15 4.82
C ILE A 657 16.04 -2.07 3.97
N PHE A 658 17.35 -1.83 4.01
CA PHE A 658 18.30 -2.59 3.22
C PHE A 658 19.22 -3.33 4.17
N GLY A 659 19.72 -4.46 3.71
CA GLY A 659 20.73 -5.21 4.43
C GLY A 659 22.08 -4.90 3.79
N ARG A 660 23.06 -4.54 4.61
CA ARG A 660 24.34 -4.07 4.12
C ARG A 660 25.39 -5.03 4.66
N SER A 661 25.86 -5.94 3.82
CA SER A 661 26.96 -6.84 4.17
C SER A 661 28.19 -6.33 3.43
N GLY A 662 29.14 -5.79 4.18
CA GLY A 662 30.29 -5.16 3.56
C GLY A 662 29.90 -3.84 2.95
N HIS A 663 29.87 -3.78 1.62
CA HIS A 663 29.39 -2.59 0.92
C HIS A 663 28.32 -2.88 -0.11
N SER A 664 27.92 -4.14 -0.29
CA SER A 664 26.81 -4.46 -1.16
C SER A 664 25.51 -4.44 -0.36
N TYR A 665 24.40 -4.35 -1.09
CA TYR A 665 23.08 -4.24 -0.49
C TYR A 665 22.25 -5.47 -0.84
N ASP A 666 21.48 -5.95 0.14
CA ASP A 666 20.63 -7.10 -0.06
C ASP A 666 19.44 -7.01 0.87
N ASN A 667 18.37 -7.71 0.53
CA ASN A 667 17.17 -7.67 1.35
C ASN A 667 17.53 -8.14 2.76
N PRO A 668 16.95 -7.58 3.80
CA PRO A 668 17.16 -8.10 5.13
C PRO A 668 16.59 -9.50 5.26
N PRO A 669 17.19 -10.36 6.06
CA PRO A 669 16.55 -11.62 6.36
C PRO A 669 15.30 -11.39 7.18
N PRO A 670 14.38 -12.34 7.21
CA PRO A 670 13.15 -12.14 7.98
C PRO A 670 13.44 -11.80 9.42
N GLY A 671 12.61 -10.91 9.96
CA GLY A 671 12.75 -10.49 11.34
C GLY A 671 13.91 -9.56 11.58
N VAL A 672 13.84 -8.35 11.03
CA VAL A 672 14.84 -7.33 11.28
C VAL A 672 14.14 -6.08 11.79
N ILE A 673 14.01 -5.96 13.11
CA ILE A 673 13.30 -4.82 13.67
C ILE A 673 14.14 -3.57 13.49
N VAL A 674 13.48 -2.44 13.28
CA VAL A 674 14.14 -1.13 13.25
C VAL A 674 13.25 -0.17 14.03
N ASP A 675 13.60 0.09 15.29
CA ASP A 675 12.85 1.02 16.10
C ASP A 675 13.72 2.22 16.46
N HIS A 676 14.48 2.72 15.50
CA HIS A 676 15.43 3.79 15.73
C HIS A 676 15.51 4.67 14.49
N THR A 677 15.58 5.98 14.70
CA THR A 677 16.06 6.96 13.75
C THR A 677 15.11 7.10 12.55
N ILE A 678 14.10 6.27 12.39
CA ILE A 678 13.07 6.52 11.40
C ILE A 678 11.66 6.35 11.94
N THR A 679 11.51 5.85 13.17
CA THR A 679 10.22 5.81 13.83
C THR A 679 9.87 7.19 14.34
N LYS A 680 8.57 7.45 14.51
CA LYS A 680 8.12 8.76 14.98
C LYS A 680 7.70 8.70 16.45
N SER A 681 6.81 7.78 16.80
CA SER A 681 6.26 7.71 18.15
C SER A 681 5.94 6.25 18.51
N TYR A 682 6.81 5.65 19.30
CA TYR A 682 6.63 4.29 19.81
C TYR A 682 6.00 3.39 18.77
N ASP A 683 6.67 3.28 17.63
CA ASP A 683 6.32 2.33 16.61
C ASP A 683 7.59 1.60 16.20
N PHE A 684 7.52 0.84 15.12
CA PHE A 684 8.69 0.14 14.63
C PHE A 684 8.37 -0.44 13.28
N TYR A 685 9.37 -0.51 12.43
CA TYR A 685 9.27 -1.24 11.18
C TYR A 685 9.60 -2.70 11.46
N LEU A 686 9.19 -3.57 10.56
CA LEU A 686 9.49 -4.98 10.75
C LEU A 686 9.44 -5.67 9.39
N VAL A 687 10.47 -6.46 9.12
CA VAL A 687 10.60 -7.18 7.86
C VAL A 687 10.43 -8.65 8.21
N SER A 688 9.19 -9.13 8.15
CA SER A 688 8.90 -10.52 8.44
C SER A 688 8.76 -11.37 7.19
N GLN A 689 8.54 -10.75 6.05
CA GLN A 689 8.34 -11.52 4.83
C GLN A 689 9.69 -11.93 4.25
N HIS A 690 9.65 -12.91 3.36
CA HIS A 690 10.80 -13.22 2.51
C HIS A 690 10.36 -13.18 1.06
N VAL A 691 11.26 -12.69 0.20
CA VAL A 691 10.92 -12.39 -1.17
C VAL A 691 11.92 -13.04 -2.09
N ARG A 692 11.49 -13.29 -3.32
CA ARG A 692 12.34 -13.83 -4.36
C ARG A 692 12.33 -12.93 -5.58
N GLN A 693 11.71 -11.76 -5.51
CA GLN A 693 11.42 -10.92 -6.65
C GLN A 693 11.47 -9.47 -6.18
N GLY A 694 12.61 -8.82 -6.36
CA GLY A 694 12.72 -7.42 -5.99
C GLY A 694 12.93 -7.21 -4.50
N THR A 695 12.61 -6.00 -4.07
CA THR A 695 12.87 -5.58 -2.70
C THR A 695 11.72 -5.97 -1.78
N VAL A 696 12.05 -6.25 -0.53
CA VAL A 696 11.08 -6.63 0.47
C VAL A 696 10.58 -5.37 1.15
N SER A 697 9.28 -5.33 1.44
CA SER A 697 8.65 -4.14 1.99
C SER A 697 8.44 -4.31 3.49
N PRO A 698 9.11 -3.55 4.34
CA PRO A 698 8.83 -3.64 5.77
C PRO A 698 7.38 -3.33 6.08
N THR A 699 6.98 -3.53 7.33
CA THR A 699 5.60 -3.33 7.76
C THR A 699 5.62 -2.40 8.96
N TYR A 700 4.82 -1.35 8.90
CA TYR A 700 4.90 -0.25 9.86
C TYR A 700 3.83 -0.43 10.93
N TYR A 701 4.25 -0.73 12.16
CA TYR A 701 3.32 -1.00 13.26
C TYR A 701 3.31 0.17 14.21
N ARG A 702 2.33 1.05 14.08
CA ARG A 702 2.15 2.08 15.08
C ARG A 702 1.44 1.48 16.29
N VAL A 703 1.76 2.01 17.46
CA VAL A 703 1.13 1.59 18.71
C VAL A 703 0.35 2.79 19.23
N ILE A 704 -0.93 2.87 18.87
CA ILE A 704 -1.73 4.05 19.14
C ILE A 704 -2.38 4.03 20.51
N TYR A 705 -2.14 3.02 21.32
CA TYR A 705 -2.61 3.02 22.70
C TYR A 705 -1.90 1.91 23.44
N ASP A 706 -1.28 2.23 24.57
CA ASP A 706 -0.53 1.25 25.34
C ASP A 706 -1.00 1.30 26.78
N LYS A 707 -1.48 0.16 27.27
CA LYS A 707 -1.70 -0.04 28.69
C LYS A 707 -1.26 -1.42 29.15
N SER A 708 -0.78 -2.26 28.24
CA SER A 708 -0.53 -3.66 28.55
C SER A 708 0.66 -3.87 29.45
N GLY A 709 1.44 -2.82 29.74
CA GLY A 709 2.63 -3.03 30.51
C GLY A 709 3.60 -3.99 29.88
N LEU A 710 3.53 -4.16 28.57
CA LEU A 710 4.50 -4.97 27.82
C LEU A 710 5.68 -4.09 27.45
N LYS A 711 6.87 -4.50 27.85
CA LYS A 711 8.06 -3.82 27.36
C LYS A 711 8.09 -3.92 25.85
N PRO A 712 8.51 -2.87 25.14
CA PRO A 712 8.42 -2.90 23.68
C PRO A 712 9.12 -4.09 23.08
N ASP A 713 10.14 -4.63 23.75
CA ASP A 713 10.77 -5.83 23.25
C ASP A 713 9.79 -6.98 23.14
N HIS A 714 9.01 -7.21 24.19
CA HIS A 714 8.06 -8.32 24.16
C HIS A 714 6.97 -8.10 23.13
N LEU A 715 6.49 -6.87 23.00
CA LEU A 715 5.47 -6.61 21.99
C LEU A 715 6.02 -6.79 20.59
N GLN A 716 7.25 -6.37 20.34
CA GLN A 716 7.86 -6.58 19.04
C GLN A 716 8.01 -8.07 18.75
N ARG A 717 8.48 -8.83 19.73
CA ARG A 717 8.67 -10.26 19.48
C ARG A 717 7.33 -10.97 19.32
N LEU A 718 6.30 -10.53 20.04
CA LEU A 718 4.97 -11.09 19.84
C LEU A 718 4.46 -10.80 18.43
N THR A 719 4.58 -9.55 18.00
CA THR A 719 4.17 -9.22 16.64
C THR A 719 4.97 -9.96 15.61
N TYR A 720 6.19 -10.37 15.94
CA TYR A 720 6.93 -11.25 15.03
C TYR A 720 6.38 -12.66 15.06
N LYS A 721 6.07 -13.18 16.25
CA LYS A 721 5.54 -14.54 16.35
C LYS A 721 4.24 -14.67 15.56
N LEU A 722 3.29 -13.77 15.82
CA LEU A 722 1.98 -13.89 15.18
C LEU A 722 2.10 -13.87 13.67
N THR A 723 3.20 -13.34 13.14
CA THR A 723 3.42 -13.40 11.71
C THR A 723 3.46 -14.82 11.20
N HIS A 724 3.74 -15.80 12.07
CA HIS A 724 3.90 -17.18 11.65
C HIS A 724 2.60 -17.98 11.71
N MET A 725 1.52 -17.41 12.20
CA MET A 725 0.32 -18.18 12.56
C MET A 725 -0.88 -17.83 11.69
N TYR A 726 -0.68 -17.75 10.39
CA TYR A 726 -1.76 -17.55 9.42
C TYR A 726 -1.87 -18.83 8.62
N TYR A 727 -2.89 -19.63 8.91
CA TYR A 727 -2.95 -21.02 8.43
C TYR A 727 -3.17 -21.14 6.94
N ASN A 728 -3.21 -20.06 6.19
CA ASN A 728 -3.25 -20.17 4.73
C ASN A 728 -1.87 -20.14 4.10
N TRP A 729 -0.84 -19.88 4.87
CA TRP A 729 0.50 -19.85 4.32
C TRP A 729 1.47 -20.45 5.33
N PRO A 730 2.07 -21.61 5.05
CA PRO A 730 3.10 -22.11 5.95
C PRO A 730 4.36 -21.29 5.81
N GLY A 731 4.64 -20.42 6.75
CA GLY A 731 5.70 -19.47 6.61
C GLY A 731 5.32 -18.16 7.30
N THR A 732 5.89 -17.07 6.81
CA THR A 732 5.64 -15.75 7.38
C THR A 732 4.92 -14.88 6.36
N ILE A 733 4.00 -14.06 6.87
CA ILE A 733 3.20 -13.17 6.04
C ILE A 733 3.52 -11.74 6.44
N ARG A 734 3.17 -10.80 5.57
CA ARG A 734 3.61 -9.43 5.79
C ARG A 734 3.04 -8.87 7.09
N THR A 735 1.78 -9.20 7.40
CA THR A 735 1.13 -8.68 8.61
C THR A 735 0.77 -9.81 9.56
N PRO A 736 0.45 -9.51 10.81
CA PRO A 736 0.19 -10.58 11.78
C PRO A 736 -0.97 -11.46 11.34
N ALA A 737 -1.27 -12.48 12.12
CA ALA A 737 -2.33 -13.39 11.73
C ALA A 737 -3.69 -12.71 11.92
N PRO A 738 -3.98 -12.13 13.08
CA PRO A 738 -5.32 -11.55 13.26
C PRO A 738 -5.69 -10.52 12.21
N CYS A 739 -4.77 -9.66 11.79
CA CYS A 739 -5.12 -8.70 10.76
C CYS A 739 -5.59 -9.39 9.49
N ASN A 740 -4.85 -10.35 8.99
CA ASN A 740 -5.25 -11.02 7.75
C ASN A 740 -6.53 -11.82 7.92
N TYR A 741 -6.72 -12.50 9.05
CA TYR A 741 -7.95 -13.22 9.28
C TYR A 741 -9.15 -12.29 9.25
N ALA A 742 -9.09 -11.22 10.05
CA ALA A 742 -10.20 -10.28 10.07
C ALA A 742 -10.42 -9.68 8.70
N HIS A 743 -9.34 -9.43 7.96
CA HIS A 743 -9.51 -8.87 6.63
C HIS A 743 -10.22 -9.83 5.69
N LYS A 744 -9.88 -11.11 5.70
CA LYS A 744 -10.61 -12.04 4.85
C LYS A 744 -12.05 -12.18 5.30
N LEU A 745 -12.32 -12.14 6.60
CA LEU A 745 -13.70 -12.25 7.07
C LEU A 745 -14.54 -11.08 6.57
N ALA A 746 -14.04 -9.87 6.78
CA ALA A 746 -14.76 -8.69 6.31
C ALA A 746 -14.91 -8.70 4.80
N PHE A 747 -13.86 -9.10 4.08
CA PHE A 747 -13.94 -9.09 2.62
C PHE A 747 -14.85 -10.18 2.09
N LEU A 748 -15.12 -11.21 2.89
CA LEU A 748 -16.15 -12.16 2.51
C LEU A 748 -17.53 -11.57 2.76
N VAL A 749 -17.76 -11.11 3.98
CA VAL A 749 -19.12 -10.68 4.33
C VAL A 749 -19.53 -9.49 3.49
N GLY A 750 -18.58 -8.67 3.08
CA GLY A 750 -18.91 -7.48 2.33
C GLY A 750 -18.87 -7.60 0.83
N LYS A 751 -18.55 -8.78 0.30
CA LYS A 751 -18.52 -8.94 -1.16
C LYS A 751 -19.43 -10.07 -1.61
N SER A 752 -19.70 -11.05 -0.74
CA SER A 752 -20.54 -12.17 -1.09
C SER A 752 -21.79 -12.26 -0.21
N LEU A 753 -21.63 -12.31 1.10
CA LEU A 753 -22.78 -12.57 1.95
C LEU A 753 -23.70 -11.36 2.07
N HIS A 754 -23.13 -10.16 2.20
CA HIS A 754 -23.91 -8.97 2.47
C HIS A 754 -24.75 -9.12 3.73
N ARG A 755 -24.41 -10.07 4.59
CA ARG A 755 -25.18 -10.36 5.78
C ARG A 755 -24.28 -11.02 6.80
N ASP A 756 -24.75 -11.10 8.02
CA ASP A 756 -23.98 -11.76 9.07
C ASP A 756 -23.97 -13.26 8.83
N PRO A 757 -22.81 -13.91 8.83
CA PRO A 757 -22.80 -15.37 8.77
C PRO A 757 -23.32 -15.98 10.06
N ALA A 758 -23.83 -17.19 10.00
CA ALA A 758 -24.48 -17.78 11.16
C ALA A 758 -23.52 -17.81 12.33
N HIS A 759 -24.06 -18.11 13.52
CA HIS A 759 -23.27 -18.15 14.73
C HIS A 759 -22.84 -19.57 15.09
N GLU A 760 -23.15 -20.56 14.25
CA GLU A 760 -22.61 -21.89 14.47
C GLU A 760 -21.15 -21.97 14.02
N LEU A 761 -20.77 -21.12 13.06
CA LEU A 761 -19.43 -21.14 12.50
C LEU A 761 -18.48 -20.18 13.21
N SER A 762 -18.84 -19.69 14.39
CA SER A 762 -17.95 -18.76 15.06
C SER A 762 -16.65 -19.44 15.47
N ASP A 763 -16.74 -20.59 16.14
CA ASP A 763 -15.55 -21.20 16.72
C ASP A 763 -14.59 -21.78 15.68
N ARG A 764 -14.99 -21.83 14.42
CA ARG A 764 -14.13 -22.29 13.33
C ARG A 764 -13.62 -21.10 12.54
N LEU A 765 -12.83 -21.38 11.51
CA LEU A 765 -12.35 -20.37 10.58
C LEU A 765 -12.94 -20.71 9.22
N PHE A 766 -14.18 -20.30 9.01
CA PHE A 766 -14.90 -20.65 7.79
C PHE A 766 -14.56 -19.74 6.62
N PHE A 767 -13.79 -18.69 6.83
CA PHE A 767 -13.59 -17.67 5.81
C PHE A 767 -12.35 -17.89 4.97
N LEU A 768 -11.47 -18.79 5.39
CA LEU A 768 -10.21 -18.97 4.67
C LEU A 768 -10.44 -19.25 3.19
P OMG B 24 5.72 25.73 -28.72
OP1 OMG B 24 6.23 24.38 -29.14
OP2 OMG B 24 6.59 26.96 -28.90
O5' OMG B 24 4.34 25.98 -29.50
C5' OMG B 24 3.25 25.10 -29.34
C4' OMG B 24 1.96 25.77 -29.73
O4' OMG B 24 1.64 26.80 -28.78
C3' OMG B 24 1.98 26.50 -31.06
O3' OMG B 24 1.78 25.64 -32.16
C2' OMG B 24 0.87 27.54 -30.90
O2' OMG B 24 -0.37 27.01 -31.31
CM2 OMG B 24 -1.16 27.91 -32.02
C1' OMG B 24 0.82 27.77 -29.39
N9 OMG B 24 1.31 29.10 -28.98
C8 OMG B 24 2.62 28.97 -29.22
N7 OMG B 24 3.23 30.14 -28.90
C5 OMG B 24 2.29 30.98 -28.46
C6 OMG B 24 2.37 32.43 -27.95
O6 OMG B 24 3.40 32.98 -27.91
N1 OMG B 24 1.18 33.10 -27.51
C2 OMG B 24 -0.08 32.42 -27.57
N2 OMG B 24 -1.33 33.11 -27.13
N3 OMG B 24 -0.15 31.02 -28.05
C4 OMG B 24 1.09 30.33 -28.51
H5' OMG B 24 3.19 24.82 -28.41
H5'' OMG B 24 3.39 24.33 -29.90
H4' OMG B 24 1.23 25.12 -29.74
H3' OMG B 24 2.83 26.96 -31.16
HO3' OMG B 24 1.03 25.24 -32.08
H2' OMG B 24 1.09 28.37 -31.37
HM21 OMG B 24 -1.40 28.65 -31.43
HM22 OMG B 24 -1.95 27.48 -32.33
HM23 OMG B 24 -0.65 28.25 -32.78
H1' OMG B 24 -0.08 27.64 -29.07
H8 OMG B 24 3.05 28.22 -29.57
HN1 OMG B 24 1.22 33.92 -27.23
HN21 OMG B 24 -1.28 33.92 -26.84
HN22 OMG B 24 -2.08 32.70 -27.16
MG MG D . -10.22 -19.76 1.07
MG MG E . -8.29 -4.37 5.68
#